data_9D4S
#
_entry.id   9D4S
#
_cell.length_a   65.398
_cell.length_b   99.190
_cell.length_c   157.276
_cell.angle_alpha   90.00
_cell.angle_beta   90.00
_cell.angle_gamma   90.00
#
_symmetry.space_group_name_H-M   'P 21 21 21'
#
loop_
_entity.id
_entity.type
_entity.pdbx_description
1 polymer 'Group II intron-like 4 reverse transcriptase'
2 polymer DNA
3 non-polymer 'MANGANESE (II) ION'
4 non-polymer "2'-DEOXYCYTIDINE-5'-TRIPHOSPHATE"
5 water water
#
loop_
_entity_poly.entity_id
_entity_poly.type
_entity_poly.pdbx_seq_one_letter_code
_entity_poly.pdbx_strand_id
1 'polypeptide(L)'
;SRLYKDICSLRTLYGAWRKVRSSAFLSSSDEIRREAEEFESRLPDSLIEIQHALSKQIFIFLQQTGVAQKKPGGKSRPLV
LAPIPNRVVQRALLDVLQRRVRLVKRVLGTPTSYGGIPDKRVAMAIADAREAMRTGARFHIRSDIPAFFTKINKDRVLEL
LRPHLNCEATLKLFEEAIRTDLANIDDLRRKGLDEIFPIGIEGVAQGSPLSPLLANIYLADFDLAMNSNGITCLRYIDDF
LLLGASLSDVDKAFNRALKELGKIGLEAYDPRTDKTKASRGATEIGFDFLGCNVSPGLIQPSEATRRRFRAKLDAEFVAA
SHALRYNAQYQDGDGKYSYSSALYRIDKIILGWGKAFTFCNGSQCMIALDDFISNKLAQLEAEKIAILANSDSTVRRRVL
GVRLLIDI
;
A,B
2 'polydeoxyribonucleotide' (DA)(DA)(DG)(DC)(DG)(DG)(DT)(DT)(DA)(DA)(DC)(DC)(DC)(DA)(DA)(DC)(DC)(DDG) C,P
#
loop_
_chem_comp.id
_chem_comp.type
_chem_comp.name
_chem_comp.formula
DA DNA linking 2'-DEOXYADENOSINE-5'-MONOPHOSPHATE 'C10 H14 N5 O6 P'
DC DNA linking 2'-DEOXYCYTIDINE-5'-MONOPHOSPHATE 'C9 H14 N3 O7 P'
DCP non-polymer 2'-DEOXYCYTIDINE-5'-TRIPHOSPHATE 'C9 H16 N3 O13 P3'
DDG DNA linking 2',3'-DIDEOXY-GUANOSINE-5'-MONOPHOSPHATE 'C10 H14 N5 O6 P'
DG DNA linking 2'-DEOXYGUANOSINE-5'-MONOPHOSPHATE 'C10 H14 N5 O7 P'
DT DNA linking THYMIDINE-5'-MONOPHOSPHATE 'C10 H15 N2 O8 P'
MN non-polymer 'MANGANESE (II) ION' 'Mn 2'
#
# COMPACT_ATOMS: atom_id res chain seq x y z
N SER A 1 -15.46 11.54 -33.54
CA SER A 1 -16.46 11.87 -32.53
C SER A 1 -15.82 12.21 -31.17
N ARG A 2 -16.32 13.26 -30.49
CA ARG A 2 -15.73 13.62 -29.20
C ARG A 2 -15.85 12.47 -28.19
N LEU A 3 -16.98 11.78 -28.16
CA LEU A 3 -17.17 10.64 -27.26
C LEU A 3 -16.08 9.61 -27.49
N TYR A 4 -15.94 9.11 -28.71
CA TYR A 4 -14.96 8.07 -28.94
C TYR A 4 -13.54 8.59 -28.73
N LYS A 5 -13.27 9.85 -29.12
CA LYS A 5 -11.95 10.43 -28.90
C LYS A 5 -11.59 10.34 -27.44
N ASP A 6 -12.56 10.64 -26.60
CA ASP A 6 -12.38 10.54 -25.17
C ASP A 6 -11.97 9.15 -24.74
N ILE A 7 -12.61 8.12 -25.30
CA ILE A 7 -12.32 6.73 -24.87
C ILE A 7 -10.90 6.33 -25.30
N CYS A 8 -10.41 6.95 -26.38
CA CYS A 8 -9.08 6.55 -26.92
C CYS A 8 -8.01 7.46 -26.32
N SER A 9 -8.38 8.26 -25.31
CA SER A 9 -7.40 9.14 -24.64
C SER A 9 -6.54 8.28 -23.72
N LEU A 10 -5.22 8.49 -23.75
CA LEU A 10 -4.32 7.68 -22.91
C LEU A 10 -4.50 8.13 -21.46
N ARG A 11 -5.04 9.33 -21.26
CA ARG A 11 -5.35 9.76 -19.88
C ARG A 11 -6.62 9.03 -19.46
N THR A 12 -7.60 8.92 -20.35
CA THR A 12 -8.76 8.10 -20.01
C THR A 12 -8.33 6.66 -19.75
N LEU A 13 -7.56 6.09 -20.67
CA LEU A 13 -7.19 4.70 -20.52
C LEU A 13 -6.36 4.50 -19.26
N TYR A 14 -5.42 5.43 -18.98
CA TYR A 14 -4.59 5.23 -17.79
C TYR A 14 -5.40 5.36 -16.53
N GLY A 15 -6.36 6.30 -16.52
CA GLY A 15 -7.26 6.41 -15.39
C GLY A 15 -7.96 5.10 -15.11
N ALA A 16 -8.51 4.48 -16.17
CA ALA A 16 -9.12 3.19 -16.02
C ALA A 16 -8.12 2.18 -15.46
N TRP A 17 -6.91 2.15 -16.02
CA TRP A 17 -5.91 1.16 -15.58
C TRP A 17 -5.58 1.36 -14.11
N ARG A 18 -5.56 2.60 -13.64
CA ARG A 18 -5.19 2.85 -12.23
C ARG A 18 -6.21 2.14 -11.32
N LYS A 19 -7.50 2.30 -11.61
CA LYS A 19 -8.56 1.65 -10.80
C LYS A 19 -8.45 0.13 -10.88
N VAL A 20 -8.21 -0.42 -12.08
CA VAL A 20 -8.07 -1.89 -12.25
C VAL A 20 -6.84 -2.38 -11.48
N ARG A 21 -5.74 -1.62 -11.54
CA ARG A 21 -4.48 -2.02 -10.87
C ARG A 21 -4.69 -2.07 -9.36
N SER A 22 -5.43 -1.10 -8.82
CA SER A 22 -5.65 -1.02 -7.36
C SER A 22 -6.38 -2.27 -6.90
N SER A 23 -7.34 -2.72 -7.71
CA SER A 23 -8.09 -3.95 -7.37
C SER A 23 -7.21 -5.18 -7.60
N ALA A 24 -6.59 -5.28 -8.79
CA ALA A 24 -5.89 -6.53 -9.01
C ALA A 24 -4.70 -6.70 -8.07
N PHE A 25 -4.04 -5.60 -7.70
CA PHE A 25 -2.82 -5.75 -6.90
C PHE A 25 -3.10 -6.27 -5.50
N LEU A 26 -4.32 -6.12 -4.98
CA LEU A 26 -4.66 -6.72 -3.69
C LEU A 26 -5.39 -8.04 -3.85
N SER A 27 -5.48 -8.56 -5.08
CA SER A 27 -6.33 -9.70 -5.34
C SER A 27 -5.76 -10.93 -4.64
N SER A 28 -6.65 -11.68 -3.98
CA SER A 28 -6.29 -12.97 -3.40
C SER A 28 -5.84 -13.95 -4.46
N SER A 29 -6.28 -13.76 -5.70
CA SER A 29 -5.98 -14.68 -6.78
C SER A 29 -4.52 -14.61 -7.23
N ASP A 30 -3.86 -15.79 -7.23
CA ASP A 30 -2.50 -15.88 -7.78
C ASP A 30 -2.50 -15.43 -9.24
N GLU A 31 -3.40 -15.99 -10.03
CA GLU A 31 -3.45 -15.72 -11.46
C GLU A 31 -3.66 -14.23 -11.74
N ILE A 32 -4.54 -13.57 -10.98
CA ILE A 32 -5.04 -12.25 -11.37
C ILE A 32 -3.95 -11.19 -11.26
N ARG A 33 -3.26 -11.13 -10.13
CA ARG A 33 -2.23 -10.11 -9.99
C ARG A 33 -0.98 -10.39 -10.82
N ARG A 34 -0.59 -11.67 -11.00
CA ARG A 34 0.51 -11.95 -11.93
C ARG A 34 0.20 -11.29 -13.27
N GLU A 35 -1.03 -11.44 -13.75
CA GLU A 35 -1.47 -10.80 -14.98
C GLU A 35 -1.34 -9.29 -14.86
N ALA A 36 -1.59 -8.74 -13.68
CA ALA A 36 -1.57 -7.30 -13.49
C ALA A 36 -0.16 -6.75 -13.38
N GLU A 37 0.75 -7.48 -12.74
CA GLU A 37 2.14 -7.03 -12.67
C GLU A 37 2.75 -7.04 -14.07
N GLU A 38 2.41 -8.02 -14.88
CA GLU A 38 2.98 -8.06 -16.22
C GLU A 38 2.47 -6.89 -17.03
N PHE A 39 1.21 -6.50 -16.81
CA PHE A 39 0.66 -5.36 -17.50
C PHE A 39 1.29 -4.05 -17.00
N GLU A 40 1.59 -4.01 -15.70
CA GLU A 40 2.27 -2.83 -15.11
C GLU A 40 3.69 -2.77 -15.67
N SER A 41 4.33 -3.92 -15.88
CA SER A 41 5.63 -3.89 -16.59
C SER A 41 5.25 -3.64 -18.04
N ARG A 42 6.12 -3.08 -18.86
CA ARG A 42 5.70 -2.76 -20.25
C ARG A 42 4.52 -1.80 -20.25
N LEU A 43 4.27 -1.11 -19.14
CA LEU A 43 3.02 -0.28 -19.07
C LEU A 43 2.93 0.67 -20.26
N PRO A 44 3.92 1.52 -20.58
CA PRO A 44 3.71 2.47 -21.66
C PRO A 44 3.09 1.71 -22.84
N ASP A 45 3.76 0.68 -23.35
CA ASP A 45 3.27 -0.02 -24.55
C ASP A 45 1.96 -0.75 -24.27
N SER A 46 1.86 -1.40 -23.11
CA SER A 46 0.65 -2.15 -22.73
C SER A 46 -0.61 -1.33 -23.05
N LEU A 47 -0.60 -0.04 -22.76
CA LEU A 47 -1.80 0.73 -22.99
C LEU A 47 -1.90 1.28 -24.40
N ILE A 48 -0.78 1.66 -25.04
CA ILE A 48 -0.91 2.15 -26.40
C ILE A 48 -1.47 1.07 -27.32
N GLU A 49 -1.06 -0.16 -27.08
CA GLU A 49 -1.62 -1.28 -27.87
C GLU A 49 -3.14 -1.17 -27.84
N ILE A 50 -3.71 -1.01 -26.65
CA ILE A 50 -5.19 -0.87 -26.52
C ILE A 50 -5.63 0.40 -27.25
N GLN A 51 -4.88 1.49 -27.09
CA GLN A 51 -5.27 2.77 -27.71
C GLN A 51 -5.27 2.63 -29.22
N HIS A 52 -4.19 2.06 -29.75
CA HIS A 52 -4.11 1.83 -31.21
C HIS A 52 -5.34 1.07 -31.64
N ALA A 53 -5.60 -0.04 -30.94
CA ALA A 53 -6.74 -0.89 -31.34
C ALA A 53 -8.04 -0.10 -31.21
N LEU A 54 -8.20 0.65 -30.12
CA LEU A 54 -9.49 1.36 -29.96
C LEU A 54 -9.67 2.37 -31.09
N SER A 55 -8.61 3.11 -31.41
CA SER A 55 -8.69 4.13 -32.47
C SER A 55 -8.98 3.44 -33.80
N LYS A 56 -8.31 2.32 -34.03
CA LYS A 56 -8.50 1.51 -35.26
C LYS A 56 -9.84 0.76 -35.27
N GLN A 57 -10.56 0.72 -34.15
CA GLN A 57 -11.80 -0.09 -34.01
C GLN A 57 -11.55 -1.58 -34.22
N ILE A 58 -10.29 -1.98 -34.17
CA ILE A 58 -9.92 -3.42 -34.29
C ILE A 58 -9.84 -4.07 -32.91
N PHE A 59 -10.13 -3.33 -31.83
CA PHE A 59 -9.99 -3.88 -30.45
C PHE A 59 -10.87 -5.11 -30.23
N ILE A 60 -10.31 -6.14 -29.59
CA ILE A 60 -11.07 -7.39 -29.38
C ILE A 60 -11.18 -7.68 -27.88
N PHE A 61 -12.40 -7.84 -27.39
CA PHE A 61 -12.55 -8.27 -25.98
C PHE A 61 -12.17 -9.74 -25.96
N LEU A 62 -11.42 -10.15 -24.96
CA LEU A 62 -10.92 -11.54 -24.94
C LEU A 62 -11.90 -12.40 -24.15
N GLN A 63 -11.78 -13.71 -24.27
CA GLN A 63 -12.75 -14.58 -23.62
C GLN A 63 -12.63 -14.47 -22.11
N GLN A 64 -13.79 -14.53 -21.43
CA GLN A 64 -13.83 -14.40 -19.98
C GLN A 64 -13.94 -15.78 -19.31
N THR A 65 -14.00 -15.77 -17.99
CA THR A 65 -14.07 -16.99 -17.18
C THR A 65 -15.24 -16.87 -16.20
N GLY A 66 -16.18 -17.79 -16.28
CA GLY A 66 -17.33 -17.80 -15.40
C GLY A 66 -17.04 -18.60 -14.15
N VAL A 67 -17.38 -18.04 -12.99
CA VAL A 67 -17.12 -18.72 -11.70
C VAL A 67 -18.39 -18.70 -10.86
N ALA A 68 -19.03 -19.84 -10.67
CA ALA A 68 -20.17 -19.85 -9.73
C ALA A 68 -19.57 -19.60 -8.36
N GLN A 69 -20.15 -18.69 -7.60
CA GLN A 69 -19.53 -18.33 -6.30
C GLN A 69 -20.56 -18.66 -5.23
N LYS A 70 -20.13 -19.40 -4.21
CA LYS A 70 -21.11 -19.82 -3.19
C LYS A 70 -21.62 -18.57 -2.51
N LYS A 71 -22.91 -18.53 -2.25
CA LYS A 71 -23.55 -17.35 -1.60
C LYS A 71 -24.43 -17.91 -0.48
N PRO A 72 -24.81 -17.10 0.52
CA PRO A 72 -25.67 -17.58 1.57
C PRO A 72 -27.00 -17.99 0.90
N GLY A 73 -27.63 -19.04 1.40
CA GLY A 73 -28.81 -19.59 0.69
C GLY A 73 -28.29 -20.58 -0.34
N GLY A 74 -29.11 -21.04 -1.24
CA GLY A 74 -28.60 -21.92 -2.32
C GLY A 74 -28.12 -21.08 -3.49
N LYS A 75 -28.26 -19.76 -3.39
CA LYS A 75 -27.96 -18.84 -4.52
C LYS A 75 -26.47 -18.83 -4.85
N SER A 76 -26.13 -18.57 -6.11
CA SER A 76 -24.71 -18.42 -6.51
C SER A 76 -24.50 -17.08 -7.21
N ARG A 77 -23.39 -16.37 -6.94
CA ARG A 77 -23.09 -15.13 -7.66
C ARG A 77 -22.41 -15.53 -8.97
N PRO A 78 -22.98 -15.25 -10.12
CA PRO A 78 -22.32 -15.64 -11.36
C PRO A 78 -21.13 -14.72 -11.67
N LEU A 79 -19.94 -15.09 -11.28
CA LEU A 79 -18.81 -14.21 -11.47
C LEU A 79 -18.26 -14.37 -12.89
N VAL A 80 -18.05 -13.24 -13.55
CA VAL A 80 -17.37 -13.20 -14.83
C VAL A 80 -16.05 -12.48 -14.64
N LEU A 81 -14.96 -13.24 -14.66
CA LEU A 81 -13.62 -12.70 -14.54
C LEU A 81 -13.06 -12.47 -15.94
N ALA A 82 -12.62 -11.25 -16.20
CA ALA A 82 -12.21 -10.91 -17.55
C ALA A 82 -10.72 -10.62 -17.61
N PRO A 83 -10.10 -10.74 -18.78
CA PRO A 83 -8.69 -10.34 -18.91
C PRO A 83 -8.51 -8.86 -18.66
N ILE A 84 -7.26 -8.49 -18.32
CA ILE A 84 -6.96 -7.10 -17.98
C ILE A 84 -7.37 -6.12 -19.08
N PRO A 85 -7.09 -6.37 -20.36
CA PRO A 85 -7.58 -5.43 -21.39
C PRO A 85 -9.08 -5.26 -21.40
N ASN A 86 -9.84 -6.35 -21.22
CA ASN A 86 -11.29 -6.21 -21.10
C ASN A 86 -11.62 -5.24 -20.01
N ARG A 87 -11.03 -5.48 -18.83
CA ARG A 87 -11.31 -4.68 -17.64
C ARG A 87 -10.94 -3.22 -17.83
N VAL A 88 -9.83 -2.93 -18.51
CA VAL A 88 -9.43 -1.54 -18.70
C VAL A 88 -10.42 -0.85 -19.62
N VAL A 89 -10.73 -1.48 -20.75
CA VAL A 89 -11.62 -0.81 -21.69
C VAL A 89 -12.99 -0.58 -21.05
N GLN A 90 -13.44 -1.53 -20.22
CA GLN A 90 -14.74 -1.38 -19.60
C GLN A 90 -14.78 -0.22 -18.61
N ARG A 91 -13.74 -0.05 -17.79
CA ARG A 91 -13.71 1.09 -16.90
C ARG A 91 -13.56 2.39 -17.68
N ALA A 92 -12.79 2.36 -18.77
CA ALA A 92 -12.75 3.50 -19.69
C ALA A 92 -14.14 3.89 -20.15
N LEU A 93 -14.92 2.90 -20.60
CA LEU A 93 -16.28 3.17 -21.05
C LEU A 93 -17.09 3.81 -19.93
N LEU A 94 -16.98 3.28 -18.71
CA LEU A 94 -17.73 3.84 -17.61
C LEU A 94 -17.35 5.28 -17.37
N ASP A 95 -16.05 5.57 -17.39
CA ASP A 95 -15.60 6.90 -17.03
C ASP A 95 -16.08 7.91 -18.06
N VAL A 96 -16.03 7.54 -19.34
CA VAL A 96 -16.49 8.44 -20.39
C VAL A 96 -18.01 8.54 -20.40
N LEU A 97 -18.71 7.43 -20.20
CA LEU A 97 -20.18 7.53 -20.28
C LEU A 97 -20.68 8.43 -19.15
N GLN A 98 -20.00 8.45 -18.01
CA GLN A 98 -20.50 9.19 -16.83
C GLN A 98 -20.10 10.67 -16.83
N ARG A 99 -19.27 11.10 -17.78
CA ARG A 99 -18.80 12.51 -17.80
C ARG A 99 -19.27 13.20 -19.08
N ARG A 100 -19.75 12.45 -20.05
CA ARG A 100 -20.10 13.07 -21.35
C ARG A 100 -21.53 12.76 -21.77
N VAL A 101 -22.16 11.72 -21.23
CA VAL A 101 -23.51 11.33 -21.73
C VAL A 101 -24.60 11.94 -20.84
N ARG A 102 -25.44 12.79 -21.42
CA ARG A 102 -26.51 13.51 -20.68
C ARG A 102 -27.45 12.53 -19.98
N LEU A 103 -27.93 11.52 -20.71
CA LEU A 103 -28.81 10.49 -20.08
C LEU A 103 -28.03 9.90 -18.91
N VAL A 104 -26.77 9.54 -19.12
CA VAL A 104 -26.08 8.92 -18.01
C VAL A 104 -26.02 9.85 -16.81
N LYS A 105 -25.67 11.12 -17.05
CA LYS A 105 -25.60 12.06 -15.93
C LYS A 105 -26.96 12.27 -15.29
N ARG A 106 -28.03 12.15 -16.07
CA ARG A 106 -29.39 12.28 -15.48
C ARG A 106 -29.70 11.07 -14.59
N VAL A 107 -29.34 9.86 -15.03
CA VAL A 107 -29.60 8.63 -14.24
C VAL A 107 -28.83 8.69 -12.92
N LEU A 108 -27.57 9.11 -12.95
CA LEU A 108 -26.78 9.30 -11.71
C LEU A 108 -27.44 10.39 -10.90
N GLY A 109 -27.94 11.41 -11.58
CA GLY A 109 -28.57 12.59 -10.96
C GLY A 109 -29.81 12.27 -10.18
N THR A 110 -30.57 11.25 -10.58
CA THR A 110 -31.89 11.06 -9.96
C THR A 110 -31.74 11.01 -8.46
N PRO A 111 -32.55 11.79 -7.73
CA PRO A 111 -32.46 11.87 -6.27
C PRO A 111 -32.81 10.58 -5.55
N THR A 112 -33.82 9.87 -6.04
CA THR A 112 -34.32 8.65 -5.38
C THR A 112 -33.42 7.43 -5.63
N SER A 113 -32.43 7.53 -6.51
CA SER A 113 -31.48 6.43 -6.73
C SER A 113 -30.15 6.70 -6.01
N TYR A 114 -29.59 5.68 -5.33
CA TYR A 114 -28.40 5.87 -4.50
C TYR A 114 -27.28 4.85 -4.67
N GLY A 115 -27.51 3.69 -5.28
CA GLY A 115 -26.50 2.62 -5.32
C GLY A 115 -25.53 2.80 -6.48
N GLY A 116 -24.24 2.61 -6.18
CA GLY A 116 -23.26 2.65 -7.25
C GLY A 116 -23.17 3.97 -7.99
N ILE A 117 -23.62 5.03 -7.33
CA ILE A 117 -23.59 6.37 -7.97
C ILE A 117 -22.52 7.18 -7.27
N PRO A 118 -21.67 7.91 -8.01
CA PRO A 118 -20.65 8.73 -7.40
C PRO A 118 -21.24 9.83 -6.51
N ASP A 119 -20.61 10.09 -5.37
CA ASP A 119 -21.01 11.19 -4.44
C ASP A 119 -22.28 10.79 -3.66
N LYS A 120 -22.63 9.52 -3.66
CA LYS A 120 -23.89 9.07 -3.01
C LYS A 120 -23.58 7.96 -2.00
N ARG A 121 -24.30 7.95 -0.88
CA ARG A 121 -24.03 7.00 0.22
C ARG A 121 -25.36 6.47 0.78
N VAL A 122 -25.30 5.38 1.55
CA VAL A 122 -26.52 4.77 2.13
C VAL A 122 -27.15 5.78 3.09
N ALA A 123 -26.36 6.53 3.83
CA ALA A 123 -26.89 7.47 4.84
C ALA A 123 -27.77 8.52 4.17
N MET A 124 -27.39 8.98 3.00
CA MET A 124 -28.16 10.05 2.32
C MET A 124 -29.55 9.49 2.06
N ALA A 125 -29.67 8.21 1.77
CA ALA A 125 -30.99 7.58 1.54
C ALA A 125 -31.75 7.42 2.86
N ILE A 126 -31.05 7.02 3.92
CA ILE A 126 -31.70 6.84 5.25
C ILE A 126 -32.21 8.20 5.70
N ALA A 127 -31.41 9.25 5.47
CA ALA A 127 -31.84 10.62 5.82
C ALA A 127 -33.06 11.04 5.01
N ASP A 128 -33.05 10.73 3.73
CA ASP A 128 -34.16 11.14 2.84
C ASP A 128 -35.43 10.45 3.31
N ALA A 129 -35.30 9.18 3.69
CA ALA A 129 -36.46 8.41 4.17
C ALA A 129 -37.03 9.02 5.44
N ARG A 130 -36.18 9.42 6.36
CA ARG A 130 -36.65 9.99 7.65
C ARG A 130 -37.40 11.29 7.37
N GLU A 131 -36.89 12.10 6.45
CA GLU A 131 -37.54 13.39 6.15
C GLU A 131 -38.94 13.11 5.61
N ALA A 132 -39.04 12.11 4.75
CA ALA A 132 -40.35 11.79 4.15
C ALA A 132 -41.29 11.37 5.29
N MET A 133 -40.76 10.61 6.24
CA MET A 133 -41.58 10.21 7.41
C MET A 133 -41.97 11.45 8.21
N ARG A 134 -41.05 12.41 8.35
CA ARG A 134 -41.32 13.63 9.16
C ARG A 134 -42.42 14.46 8.50
N THR A 135 -42.61 14.27 7.19
CA THR A 135 -43.60 15.04 6.47
C THR A 135 -44.84 14.22 6.16
N GLY A 136 -45.07 13.16 6.92
CA GLY A 136 -46.33 12.44 6.92
C GLY A 136 -46.35 11.02 6.40
N ALA A 137 -45.19 10.42 6.12
CA ALA A 137 -45.18 9.04 5.63
C ALA A 137 -45.09 8.14 6.85
N ARG A 138 -46.18 7.45 7.15
CA ARG A 138 -46.28 6.67 8.37
C ARG A 138 -46.36 5.18 8.07
N PHE A 139 -46.34 4.81 6.80
CA PHE A 139 -46.37 3.41 6.41
C PHE A 139 -45.37 3.16 5.30
N HIS A 140 -44.88 1.92 5.26
CA HIS A 140 -43.85 1.59 4.26
C HIS A 140 -43.94 0.18 3.73
N ILE A 141 -43.50 -0.01 2.49
CA ILE A 141 -43.29 -1.40 1.98
C ILE A 141 -41.85 -1.35 1.50
N ARG A 142 -41.02 -2.31 1.90
CA ARG A 142 -39.63 -2.39 1.39
C ARG A 142 -39.52 -3.69 0.62
N SER A 143 -38.93 -3.69 -0.58
CA SER A 143 -38.73 -4.97 -1.32
C SER A 143 -37.43 -4.98 -2.14
N ASP A 144 -37.14 -6.10 -2.80
CA ASP A 144 -35.88 -6.29 -3.58
C ASP A 144 -36.24 -7.04 -4.87
N ILE A 145 -35.41 -6.93 -5.90
CA ILE A 145 -35.64 -7.69 -7.16
C ILE A 145 -34.81 -8.97 -7.11
N PRO A 146 -35.41 -10.16 -7.29
CA PRO A 146 -34.65 -11.40 -7.34
C PRO A 146 -33.74 -11.52 -8.57
N ALA A 147 -32.48 -11.92 -8.38
CA ALA A 147 -31.58 -12.19 -9.53
C ALA A 147 -31.59 -10.99 -10.48
N PHE A 148 -31.45 -9.78 -9.97
CA PHE A 148 -31.65 -8.60 -10.85
C PHE A 148 -30.67 -8.55 -12.03
N PHE A 149 -29.39 -8.80 -11.81
CA PHE A 149 -28.40 -8.67 -12.91
C PHE A 149 -28.68 -9.73 -13.98
N THR A 150 -29.07 -10.93 -13.55
CA THR A 150 -29.39 -12.05 -14.46
C THR A 150 -30.57 -11.72 -15.38
N LYS A 151 -31.59 -11.04 -14.86
CA LYS A 151 -32.82 -10.79 -15.65
C LYS A 151 -32.78 -9.49 -16.46
N ILE A 152 -31.75 -8.65 -16.34
CA ILE A 152 -31.69 -7.43 -17.19
C ILE A 152 -31.53 -7.82 -18.66
N ASN A 153 -32.19 -7.11 -19.56
CA ASN A 153 -32.13 -7.48 -21.00
C ASN A 153 -31.19 -6.51 -21.68
N LYS A 154 -30.14 -7.02 -22.31
CA LYS A 154 -29.13 -6.13 -22.95
C LYS A 154 -29.80 -5.35 -24.07
N ASP A 155 -30.72 -5.97 -24.80
CA ASP A 155 -31.35 -5.30 -25.95
C ASP A 155 -32.11 -4.05 -25.48
N ARG A 156 -32.83 -4.12 -24.36
CA ARG A 156 -33.46 -2.88 -23.85
C ARG A 156 -32.37 -1.88 -23.49
N VAL A 157 -31.29 -2.33 -22.88
CA VAL A 157 -30.27 -1.34 -22.44
C VAL A 157 -29.73 -0.65 -23.69
N LEU A 158 -29.47 -1.43 -24.74
CA LEU A 158 -28.93 -0.85 -25.99
C LEU A 158 -29.96 0.10 -26.57
N GLU A 159 -31.23 -0.29 -26.51
CA GLU A 159 -32.31 0.56 -27.05
C GLU A 159 -32.37 1.87 -26.28
N LEU A 160 -32.22 1.80 -24.96
CA LEU A 160 -32.22 3.02 -24.12
C LEU A 160 -31.04 3.94 -24.42
N LEU A 161 -29.84 3.39 -24.59
CA LEU A 161 -28.65 4.28 -24.77
C LEU A 161 -28.36 4.62 -26.22
N ARG A 162 -28.98 3.92 -27.17
CA ARG A 162 -28.59 4.13 -28.59
C ARG A 162 -28.89 5.55 -29.05
N PRO A 163 -30.03 6.19 -28.75
CA PRO A 163 -30.23 7.55 -29.19
C PRO A 163 -29.21 8.51 -28.58
N HIS A 164 -28.94 8.34 -27.29
CA HIS A 164 -28.01 9.25 -26.57
C HIS A 164 -26.55 9.18 -27.05
N LEU A 165 -26.03 7.99 -27.36
CA LEU A 165 -24.57 7.94 -27.66
C LEU A 165 -24.16 8.74 -28.90
N ASN A 166 -24.88 8.64 -30.03
CA ASN A 166 -24.64 9.48 -31.24
C ASN A 166 -23.37 9.04 -31.98
N CYS A 167 -22.73 7.94 -31.56
CA CYS A 167 -21.55 7.40 -32.28
C CYS A 167 -21.81 5.93 -32.56
N GLU A 168 -21.69 5.49 -33.80
CA GLU A 168 -21.84 4.03 -34.06
C GLU A 168 -20.71 3.30 -33.36
N ALA A 169 -19.49 3.84 -33.42
CA ALA A 169 -18.32 3.12 -32.86
C ALA A 169 -18.49 2.95 -31.35
N THR A 170 -18.97 3.99 -30.68
CA THR A 170 -19.16 3.90 -29.22
C THR A 170 -20.19 2.80 -28.98
N LEU A 171 -21.24 2.76 -29.80
CA LEU A 171 -22.31 1.74 -29.61
C LEU A 171 -21.74 0.34 -29.81
N LYS A 172 -20.90 0.17 -30.81
CA LYS A 172 -20.29 -1.15 -31.07
C LYS A 172 -19.40 -1.58 -29.90
N LEU A 173 -18.63 -0.65 -29.36
CA LEU A 173 -17.76 -0.98 -28.20
C LEU A 173 -18.65 -1.36 -27.02
N PHE A 174 -19.74 -0.61 -26.84
CA PHE A 174 -20.62 -0.87 -25.69
C PHE A 174 -21.24 -2.27 -25.81
N GLU A 175 -21.66 -2.62 -27.03
CA GLU A 175 -22.28 -3.94 -27.25
C GLU A 175 -21.27 -5.05 -26.95
N GLU A 176 -20.04 -4.88 -27.41
CA GLU A 176 -18.98 -5.90 -27.15
C GLU A 176 -18.69 -5.99 -25.65
N ALA A 177 -18.61 -4.85 -24.96
CA ALA A 177 -18.35 -4.83 -23.51
C ALA A 177 -19.46 -5.49 -22.69
N ILE A 178 -20.72 -5.23 -23.03
CA ILE A 178 -21.89 -5.87 -22.33
C ILE A 178 -21.88 -7.38 -22.58
N ARG A 179 -21.49 -7.81 -23.79
CA ARG A 179 -21.55 -9.24 -24.18
C ARG A 179 -20.65 -10.12 -23.32
N THR A 180 -21.12 -11.33 -23.02
CA THR A 180 -20.30 -12.29 -22.25
C THR A 180 -19.96 -13.49 -23.14
N ASP A 181 -18.68 -13.81 -23.29
CA ASP A 181 -18.25 -15.03 -24.01
C ASP A 181 -17.41 -15.82 -23.01
N LEU A 182 -17.71 -17.09 -22.81
CA LEU A 182 -16.97 -17.80 -21.73
C LEU A 182 -16.06 -18.89 -22.29
N ALA A 183 -14.78 -18.85 -21.95
CA ALA A 183 -13.81 -19.91 -22.30
C ALA A 183 -14.19 -21.20 -21.59
N ASN A 184 -14.71 -21.12 -20.38
CA ASN A 184 -14.96 -22.30 -19.52
C ASN A 184 -16.37 -22.85 -19.74
N ILE A 185 -17.08 -22.42 -20.77
CA ILE A 185 -18.51 -22.80 -20.93
C ILE A 185 -18.68 -24.32 -21.02
N ASP A 186 -17.81 -25.05 -21.69
CA ASP A 186 -18.08 -26.50 -21.78
C ASP A 186 -18.06 -27.10 -20.37
N ASP A 187 -17.11 -26.70 -19.53
CA ASP A 187 -17.00 -27.25 -18.16
C ASP A 187 -18.25 -26.88 -17.37
N LEU A 188 -18.71 -25.64 -17.53
CA LEU A 188 -19.92 -25.17 -16.81
C LEU A 188 -21.13 -25.99 -17.26
N ARG A 189 -21.20 -26.28 -18.55
CA ARG A 189 -22.35 -27.04 -19.09
C ARG A 189 -22.37 -28.44 -18.47
N ARG A 190 -21.22 -29.07 -18.33
CA ARG A 190 -21.15 -30.40 -17.70
C ARG A 190 -21.63 -30.26 -16.26
N LYS A 191 -21.21 -29.19 -15.61
CA LYS A 191 -21.67 -28.84 -14.24
C LYS A 191 -23.17 -28.55 -14.22
N GLY A 192 -23.73 -27.94 -15.27
CA GLY A 192 -25.14 -27.51 -15.26
C GLY A 192 -25.25 -26.07 -14.78
N LEU A 193 -24.11 -25.41 -14.61
CA LEU A 193 -24.07 -24.01 -14.12
C LEU A 193 -24.07 -23.01 -15.28
N ASP A 194 -24.11 -23.47 -16.53
CA ASP A 194 -23.99 -22.58 -17.71
C ASP A 194 -25.13 -21.58 -17.78
N GLU A 195 -26.34 -21.99 -17.44
CA GLU A 195 -27.56 -21.14 -17.56
C GLU A 195 -27.46 -19.90 -16.66
N ILE A 196 -26.85 -20.00 -15.49
CA ILE A 196 -26.77 -18.87 -14.52
C ILE A 196 -26.04 -17.68 -15.14
N PHE A 197 -24.98 -17.91 -15.88
CA PHE A 197 -24.15 -16.84 -16.49
C PHE A 197 -24.87 -16.11 -17.64
N PRO A 198 -24.57 -14.83 -17.92
CA PRO A 198 -25.29 -14.13 -18.97
C PRO A 198 -24.76 -14.40 -20.37
N ILE A 199 -24.74 -15.67 -20.78
CA ILE A 199 -24.31 -16.09 -22.16
C ILE A 199 -25.32 -15.54 -23.17
N GLY A 200 -26.59 -15.54 -22.82
CA GLY A 200 -27.69 -15.03 -23.66
C GLY A 200 -27.84 -13.52 -23.63
N ILE A 201 -28.73 -13.00 -24.45
CA ILE A 201 -29.01 -11.54 -24.48
C ILE A 201 -29.51 -11.14 -23.09
N GLU A 202 -30.31 -11.99 -22.47
CA GLU A 202 -30.75 -11.70 -21.08
C GLU A 202 -29.56 -11.74 -20.12
N GLY A 203 -29.53 -10.81 -19.16
CA GLY A 203 -28.48 -10.75 -18.12
C GLY A 203 -27.37 -9.76 -18.39
N VAL A 204 -26.70 -9.32 -17.32
CA VAL A 204 -25.53 -8.42 -17.44
C VAL A 204 -24.43 -9.05 -16.58
N ALA A 205 -23.19 -8.93 -17.00
CA ALA A 205 -22.09 -9.59 -16.28
C ALA A 205 -21.87 -9.03 -14.88
N GLN A 206 -21.59 -9.90 -13.92
CA GLN A 206 -21.27 -9.45 -12.56
C GLN A 206 -19.75 -9.44 -12.53
N GLY A 207 -19.14 -8.38 -12.03
CA GLY A 207 -17.68 -8.19 -12.18
C GLY A 207 -17.37 -7.23 -13.31
N SER A 208 -18.38 -6.61 -13.90
CA SER A 208 -18.15 -5.56 -14.92
C SER A 208 -18.49 -4.20 -14.31
N PRO A 209 -17.63 -3.19 -14.49
CA PRO A 209 -17.86 -1.85 -13.95
C PRO A 209 -19.14 -1.22 -14.53
N LEU A 210 -19.41 -1.46 -15.81
CA LEU A 210 -20.60 -0.94 -16.52
C LEU A 210 -21.90 -1.46 -15.92
N SER A 211 -21.94 -2.69 -15.45
CA SER A 211 -23.23 -3.34 -15.07
C SER A 211 -24.00 -2.58 -13.98
N PRO A 212 -23.41 -2.02 -12.91
CA PRO A 212 -24.20 -1.25 -11.96
C PRO A 212 -24.88 -0.02 -12.59
N LEU A 213 -24.21 0.72 -13.47
CA LEU A 213 -24.84 1.87 -14.17
C LEU A 213 -25.99 1.37 -15.03
N LEU A 214 -25.78 0.23 -15.69
CA LEU A 214 -26.81 -0.26 -16.63
C LEU A 214 -28.08 -0.52 -15.83
N ALA A 215 -27.93 -1.07 -14.63
CA ALA A 215 -29.09 -1.35 -13.77
C ALA A 215 -29.82 -0.06 -13.40
N ASN A 216 -29.08 0.99 -13.07
CA ASN A 216 -29.71 2.30 -12.73
C ASN A 216 -30.44 2.85 -13.94
N ILE A 217 -29.85 2.74 -15.12
CA ILE A 217 -30.53 3.19 -16.39
C ILE A 217 -31.77 2.33 -16.61
N TYR A 218 -31.67 1.03 -16.35
CA TYR A 218 -32.79 0.08 -16.57
C TYR A 218 -33.97 0.46 -15.67
N LEU A 219 -33.69 0.87 -14.43
CA LEU A 219 -34.77 1.14 -13.44
C LEU A 219 -35.21 2.60 -13.45
N ALA A 220 -34.71 3.41 -14.36
CA ALA A 220 -35.03 4.85 -14.40
C ALA A 220 -36.54 5.07 -14.61
N ASP A 221 -37.16 4.28 -15.48
CA ASP A 221 -38.61 4.40 -15.71
C ASP A 221 -39.34 4.07 -14.41
N PHE A 222 -38.86 3.06 -13.71
CA PHE A 222 -39.45 2.66 -12.41
C PHE A 222 -39.30 3.82 -11.43
N ASP A 223 -38.13 4.47 -11.45
CA ASP A 223 -37.90 5.51 -10.42
C ASP A 223 -38.89 6.66 -10.55
N LEU A 224 -39.15 7.14 -11.77
CA LEU A 224 -40.16 8.22 -11.97
C LEU A 224 -41.58 7.76 -11.65
N ALA A 225 -41.96 6.58 -12.11
CA ALA A 225 -43.35 6.13 -11.92
C ALA A 225 -43.67 5.92 -10.45
N MET A 226 -42.74 5.31 -9.73
CA MET A 226 -42.95 4.99 -8.31
C MET A 226 -43.09 6.27 -7.49
N ASN A 227 -42.30 7.29 -7.82
CA ASN A 227 -42.31 8.55 -7.04
C ASN A 227 -43.45 9.42 -7.56
N SER A 228 -44.67 9.04 -7.23
CA SER A 228 -45.87 9.74 -7.72
C SER A 228 -47.04 9.48 -6.77
N ASN A 229 -48.09 10.31 -6.83
CA ASN A 229 -49.32 10.00 -6.06
C ASN A 229 -49.08 9.86 -4.57
N GLY A 230 -48.24 10.70 -3.98
CA GLY A 230 -48.07 10.67 -2.52
C GLY A 230 -47.14 9.57 -2.07
N ILE A 231 -46.46 8.93 -3.02
CA ILE A 231 -45.56 7.80 -2.67
C ILE A 231 -44.13 8.20 -3.01
N THR A 232 -43.22 8.00 -2.07
CA THR A 232 -41.78 8.24 -2.34
C THR A 232 -41.12 6.87 -2.46
N CYS A 233 -40.43 6.62 -3.56
CA CYS A 233 -39.68 5.34 -3.68
C CYS A 233 -38.20 5.68 -3.62
N LEU A 234 -37.49 5.09 -2.68
CA LEU A 234 -36.03 5.32 -2.57
C LEU A 234 -35.38 4.00 -2.96
N ARG A 235 -34.47 4.06 -3.93
CA ARG A 235 -33.89 2.80 -4.44
C ARG A 235 -32.37 2.78 -4.36
N TYR A 236 -31.80 1.74 -3.79
CA TYR A 236 -30.33 1.56 -3.88
C TYR A 236 -30.18 0.30 -4.71
N ILE A 237 -29.65 0.41 -5.92
CA ILE A 237 -29.60 -0.79 -6.80
C ILE A 237 -31.02 -1.35 -6.86
N ASP A 238 -31.20 -2.65 -6.65
CA ASP A 238 -32.53 -3.32 -6.60
C ASP A 238 -33.39 -2.93 -5.38
N ASP A 239 -32.79 -2.75 -4.19
CA ASP A 239 -33.62 -2.54 -2.98
C ASP A 239 -34.44 -1.26 -3.09
N PHE A 240 -35.72 -1.34 -2.74
CA PHE A 240 -36.62 -0.17 -2.86
C PHE A 240 -37.49 0.00 -1.61
N LEU A 241 -37.74 1.24 -1.23
CA LEU A 241 -38.63 1.52 -0.08
C LEU A 241 -39.79 2.36 -0.62
N LEU A 242 -41.02 1.95 -0.32
CA LEU A 242 -42.18 2.76 -0.75
C LEU A 242 -42.71 3.41 0.52
N LEU A 243 -42.82 4.74 0.52
CA LEU A 243 -43.22 5.44 1.76
C LEU A 243 -44.53 6.17 1.51
N GLY A 244 -45.51 5.96 2.40
CA GLY A 244 -46.83 6.52 2.19
C GLY A 244 -47.56 6.85 3.47
N ALA A 245 -48.56 7.72 3.40
CA ALA A 245 -49.40 8.08 4.57
C ALA A 245 -50.19 6.89 5.09
N SER A 246 -50.70 6.04 4.21
CA SER A 246 -51.59 4.92 4.64
C SER A 246 -51.09 3.59 4.11
N LEU A 247 -51.48 2.51 4.79
CA LEU A 247 -51.08 1.15 4.37
C LEU A 247 -51.66 0.90 2.97
N SER A 248 -52.87 1.37 2.73
CA SER A 248 -53.50 1.12 1.42
C SER A 248 -52.64 1.77 0.34
N ASP A 249 -52.13 2.97 0.62
CA ASP A 249 -51.33 3.68 -0.41
C ASP A 249 -50.05 2.89 -0.73
N VAL A 250 -49.37 2.37 0.29
CA VAL A 250 -48.16 1.53 0.04
C VAL A 250 -48.55 0.23 -0.66
N ASP A 251 -49.66 -0.38 -0.25
CA ASP A 251 -50.09 -1.67 -0.85
C ASP A 251 -50.41 -1.45 -2.33
N LYS A 252 -51.08 -0.35 -2.65
CA LYS A 252 -51.40 -0.01 -4.06
C LYS A 252 -50.09 0.23 -4.81
N ALA A 253 -49.14 0.88 -4.15
CA ALA A 253 -47.84 1.17 -4.76
C ALA A 253 -47.12 -0.13 -5.10
N PHE A 254 -47.18 -1.13 -4.21
CA PHE A 254 -46.41 -2.35 -4.50
C PHE A 254 -46.94 -2.98 -5.79
N ASN A 255 -48.26 -2.99 -5.94
CA ASN A 255 -48.86 -3.61 -7.14
C ASN A 255 -48.39 -2.83 -8.38
N ARG A 256 -48.34 -1.51 -8.26
CA ARG A 256 -47.85 -0.64 -9.37
C ARG A 256 -46.39 -0.98 -9.63
N ALA A 257 -45.61 -1.19 -8.57
CA ALA A 257 -44.18 -1.47 -8.73
C ALA A 257 -44.00 -2.79 -9.47
N LEU A 258 -44.81 -3.77 -9.13
CA LEU A 258 -44.66 -5.10 -9.77
C LEU A 258 -44.95 -4.94 -11.25
N LYS A 259 -45.98 -4.16 -11.57
CA LYS A 259 -46.34 -3.94 -12.99
C LYS A 259 -45.23 -3.20 -13.74
N GLU A 260 -44.64 -2.18 -13.12
CA GLU A 260 -43.54 -1.46 -13.77
C GLU A 260 -42.36 -2.40 -13.95
N LEU A 261 -42.08 -3.19 -12.91
CA LEU A 261 -41.00 -4.20 -12.97
C LEU A 261 -41.34 -5.27 -14.01
N GLY A 262 -42.61 -5.66 -14.09
CA GLY A 262 -43.03 -6.75 -14.99
C GLY A 262 -42.78 -6.42 -16.43
N LYS A 263 -43.01 -5.17 -16.83
CA LYS A 263 -42.87 -4.81 -18.26
C LYS A 263 -41.41 -5.07 -18.62
N ILE A 264 -40.51 -4.78 -17.70
CA ILE A 264 -39.05 -4.89 -17.97
C ILE A 264 -38.55 -6.30 -17.58
N GLY A 265 -39.45 -7.22 -17.23
CA GLY A 265 -39.04 -8.60 -16.93
C GLY A 265 -38.56 -8.82 -15.51
N LEU A 266 -38.89 -7.92 -14.61
CA LEU A 266 -38.35 -8.02 -13.24
C LEU A 266 -39.49 -8.29 -12.26
N GLU A 267 -39.15 -8.80 -11.09
CA GLU A 267 -40.15 -9.18 -10.06
C GLU A 267 -39.63 -8.71 -8.71
N ALA A 268 -40.50 -8.64 -7.72
CA ALA A 268 -40.07 -8.18 -6.39
C ALA A 268 -40.49 -9.21 -5.34
N TYR A 269 -39.69 -9.34 -4.29
CA TYR A 269 -40.03 -10.25 -3.19
C TYR A 269 -41.32 -9.76 -2.52
N ASP A 270 -42.22 -10.67 -2.17
CA ASP A 270 -43.52 -10.27 -1.60
C ASP A 270 -43.35 -9.99 -0.12
N PRO A 271 -43.86 -8.86 0.40
CA PRO A 271 -43.62 -8.56 1.79
C PRO A 271 -44.24 -9.62 2.70
N ARG A 272 -45.46 -10.08 2.43
CA ARG A 272 -46.00 -11.11 3.35
C ARG A 272 -45.24 -12.44 3.30
N THR A 273 -44.96 -12.95 2.10
CA THR A 273 -44.31 -14.28 1.97
C THR A 273 -42.88 -14.29 2.50
N ASP A 274 -42.09 -13.27 2.18
CA ASP A 274 -40.65 -13.33 2.58
C ASP A 274 -40.34 -12.25 3.60
N LYS A 275 -40.10 -12.65 4.85
CA LYS A 275 -39.67 -11.67 5.89
C LYS A 275 -38.29 -11.12 5.55
N THR A 276 -37.39 -11.98 5.08
CA THR A 276 -35.98 -11.58 4.84
C THR A 276 -35.80 -10.51 3.76
N LYS A 277 -36.55 -10.57 2.66
CA LYS A 277 -36.24 -9.64 1.53
C LYS A 277 -37.28 -8.53 1.36
N ALA A 278 -38.40 -8.56 2.07
CA ALA A 278 -39.31 -7.44 1.98
C ALA A 278 -40.01 -7.24 3.31
N SER A 279 -40.45 -6.02 3.55
CA SER A 279 -41.15 -5.67 4.78
C SER A 279 -42.34 -4.78 4.43
N ARG A 280 -43.28 -4.69 5.37
CA ARG A 280 -44.52 -3.92 5.25
C ARG A 280 -44.93 -3.49 6.65
N GLY A 281 -45.46 -2.29 6.79
CA GLY A 281 -46.04 -1.88 8.06
C GLY A 281 -45.82 -0.40 8.33
N ALA A 282 -46.12 -0.01 9.57
CA ALA A 282 -46.05 1.37 10.02
C ALA A 282 -44.61 1.84 10.23
N THR A 283 -44.29 3.03 9.70
CA THR A 283 -42.95 3.58 9.91
C THR A 283 -42.68 3.99 11.35
N GLU A 284 -43.72 4.33 12.12
CA GLU A 284 -43.51 4.75 13.50
C GLU A 284 -42.77 3.68 14.31
N ILE A 285 -43.28 2.45 14.31
CA ILE A 285 -42.46 1.32 14.70
C ILE A 285 -41.31 1.18 13.70
N GLY A 286 -40.26 0.51 14.10
CA GLY A 286 -39.07 0.48 13.27
C GLY A 286 -39.20 -0.41 12.04
N PHE A 287 -38.40 -0.11 11.02
CA PHE A 287 -38.25 -1.02 9.89
C PHE A 287 -36.80 -0.99 9.39
N ASP A 288 -36.38 -2.07 8.72
CA ASP A 288 -35.01 -2.22 8.24
C ASP A 288 -34.84 -1.80 6.79
N PHE A 289 -33.76 -1.05 6.53
CA PHE A 289 -33.41 -0.65 5.17
C PHE A 289 -31.91 -0.49 5.06
N LEU A 290 -31.32 -1.15 4.05
CA LEU A 290 -29.89 -1.05 3.76
C LEU A 290 -29.04 -1.32 5.00
N GLY A 291 -29.43 -2.32 5.77
CA GLY A 291 -28.69 -2.64 6.97
C GLY A 291 -28.92 -1.72 8.14
N CYS A 292 -29.79 -0.73 8.03
CA CYS A 292 -30.16 0.12 9.14
C CYS A 292 -31.57 -0.19 9.58
N ASN A 293 -31.81 0.01 10.86
CA ASN A 293 -33.16 0.02 11.39
C ASN A 293 -33.59 1.48 11.51
N VAL A 294 -34.57 1.87 10.69
CA VAL A 294 -35.05 3.25 10.58
C VAL A 294 -36.31 3.40 11.41
N SER A 295 -36.17 3.86 12.55
CA SER A 295 -37.22 4.39 13.41
C SER A 295 -37.33 5.92 13.28
N PRO A 296 -38.53 6.49 13.42
CA PRO A 296 -38.66 7.96 13.44
C PRO A 296 -37.77 8.66 14.47
N GLY A 297 -37.52 8.06 15.63
CA GLY A 297 -36.54 8.64 16.52
C GLY A 297 -35.13 8.13 16.30
N LEU A 298 -34.98 6.82 16.26
CA LEU A 298 -33.69 6.18 16.40
C LEU A 298 -33.28 5.51 15.10
N ILE A 299 -31.98 5.61 14.77
CA ILE A 299 -31.36 4.86 13.68
C ILE A 299 -30.20 4.08 14.26
N GLN A 300 -30.07 2.83 13.86
CA GLN A 300 -29.03 1.95 14.37
C GLN A 300 -28.72 0.91 13.31
N PRO A 301 -27.62 0.19 13.46
CA PRO A 301 -27.41 -0.97 12.60
C PRO A 301 -28.56 -1.94 12.79
N SER A 302 -28.94 -2.59 11.68
CA SER A 302 -30.02 -3.56 11.69
C SER A 302 -29.62 -4.80 12.50
N GLU A 303 -30.63 -5.62 12.82
CA GLU A 303 -30.40 -6.81 13.63
C GLU A 303 -29.62 -7.87 12.86
N ALA A 304 -29.90 -8.04 11.56
CA ALA A 304 -29.09 -8.92 10.75
C ALA A 304 -27.64 -8.44 10.68
N THR A 305 -27.46 -7.13 10.51
CA THR A 305 -26.12 -6.56 10.43
C THR A 305 -25.36 -6.82 11.72
N ARG A 306 -26.03 -6.68 12.87
CA ARG A 306 -25.38 -6.96 14.14
C ARG A 306 -25.07 -8.45 14.33
N ARG A 307 -25.92 -9.34 13.79
CA ARG A 307 -25.65 -10.77 13.94
C ARG A 307 -24.40 -11.17 13.15
N ARG A 308 -24.29 -10.68 11.92
CA ARG A 308 -23.08 -10.89 11.15
C ARG A 308 -21.87 -10.42 11.93
N PHE A 309 -21.94 -9.21 12.48
CA PHE A 309 -20.79 -8.67 13.19
C PHE A 309 -20.45 -9.53 14.40
N ARG A 310 -21.47 -9.97 15.13
CA ARG A 310 -21.25 -10.84 16.28
C ARG A 310 -20.65 -12.17 15.86
N ALA A 311 -21.01 -12.65 14.67
CA ALA A 311 -20.46 -13.91 14.21
C ALA A 311 -19.02 -13.74 13.74
N LYS A 312 -18.74 -12.65 13.03
CA LYS A 312 -17.38 -12.40 12.57
C LYS A 312 -16.45 -12.23 13.76
N LEU A 313 -16.90 -11.50 14.78
CA LEU A 313 -16.10 -11.37 15.99
C LEU A 313 -15.92 -12.70 16.68
N ASP A 314 -17.00 -13.48 16.79
CA ASP A 314 -16.93 -14.79 17.43
C ASP A 314 -15.93 -15.69 16.72
N ALA A 315 -16.01 -15.72 15.40
CA ALA A 315 -15.05 -16.48 14.61
C ALA A 315 -13.62 -16.07 14.98
N GLU A 316 -13.36 -14.77 15.06
CA GLU A 316 -12.01 -14.32 15.39
C GLU A 316 -11.57 -14.82 16.74
N PHE A 317 -12.45 -14.84 17.74
CA PHE A 317 -12.06 -15.29 19.06
C PHE A 317 -11.90 -16.80 19.08
N VAL A 318 -12.79 -17.53 18.42
CA VAL A 318 -12.65 -19.01 18.35
C VAL A 318 -11.27 -19.33 17.79
N ALA A 319 -10.90 -18.70 16.67
CA ALA A 319 -9.59 -18.93 16.03
C ALA A 319 -8.48 -18.63 17.04
N ALA A 320 -8.60 -17.53 17.76
CA ALA A 320 -7.53 -17.11 18.71
C ALA A 320 -7.35 -18.21 19.76
N SER A 321 -8.44 -18.71 20.32
CA SER A 321 -8.35 -19.74 21.38
C SER A 321 -7.65 -20.97 20.82
N HIS A 322 -8.06 -21.41 19.63
CA HIS A 322 -7.49 -22.64 19.04
C HIS A 322 -5.99 -22.45 18.86
N ALA A 323 -5.59 -21.30 18.32
CA ALA A 323 -4.16 -21.02 18.09
C ALA A 323 -3.43 -20.94 19.43
N LEU A 324 -4.07 -20.37 20.45
CA LEU A 324 -3.43 -20.31 21.78
C LEU A 324 -2.96 -21.72 22.12
N ARG A 325 -3.86 -22.68 21.98
CA ARG A 325 -3.52 -24.08 22.30
C ARG A 325 -2.48 -24.58 21.28
N TYR A 326 -2.64 -24.21 20.02
CA TYR A 326 -1.73 -24.75 18.98
C TYR A 326 -0.34 -24.10 19.13
N ASN A 327 -0.28 -22.78 19.26
CA ASN A 327 1.03 -22.15 19.31
C ASN A 327 1.83 -22.58 20.53
N ALA A 328 1.17 -23.07 21.58
CA ALA A 328 1.90 -23.64 22.72
C ALA A 328 2.63 -24.92 22.33
N GLN A 329 1.91 -25.89 21.78
CA GLN A 329 2.53 -27.20 21.51
C GLN A 329 3.31 -27.25 20.20
N TYR A 330 2.88 -26.53 19.16
CA TYR A 330 3.57 -26.70 17.86
C TYR A 330 4.38 -25.46 17.47
N GLN A 331 4.89 -25.45 16.23
CA GLN A 331 5.71 -24.34 15.72
C GLN A 331 5.23 -23.99 14.31
N ASP A 332 4.21 -24.70 13.82
CA ASP A 332 3.69 -24.50 12.44
C ASP A 332 2.59 -23.43 12.50
N GLY A 333 2.60 -22.57 13.52
CA GLY A 333 1.53 -21.57 13.70
C GLY A 333 1.39 -20.61 12.55
N ASP A 334 0.18 -20.05 12.37
CA ASP A 334 -0.05 -19.04 11.31
C ASP A 334 0.40 -17.66 11.83
N GLY A 335 0.35 -17.42 13.14
CA GLY A 335 0.84 -16.15 13.60
C GLY A 335 -0.16 -15.04 13.40
N LYS A 336 -0.94 -15.06 12.30
CA LYS A 336 -2.10 -14.18 12.19
C LYS A 336 -3.01 -14.36 13.39
N TYR A 337 -3.00 -15.54 13.99
CA TYR A 337 -3.90 -15.86 15.09
C TYR A 337 -3.17 -15.98 16.41
N SER A 338 -1.96 -15.43 16.49
CA SER A 338 -1.32 -15.32 17.77
C SER A 338 -2.03 -14.24 18.59
N TYR A 339 -1.98 -14.39 19.91
CA TYR A 339 -2.67 -13.49 20.82
C TYR A 339 -2.49 -12.02 20.43
N SER A 340 -1.24 -11.58 20.33
CA SER A 340 -0.98 -10.20 19.97
C SER A 340 -1.57 -9.86 18.59
N SER A 341 -1.35 -10.72 17.59
CA SER A 341 -1.88 -10.42 16.26
C SER A 341 -3.40 -10.56 16.21
N ALA A 342 -3.96 -11.51 16.96
CA ALA A 342 -5.41 -11.69 16.99
C ALA A 342 -6.09 -10.47 17.63
N LEU A 343 -5.67 -10.10 18.84
CA LEU A 343 -6.26 -8.94 19.47
C LEU A 343 -6.09 -7.68 18.61
N TYR A 344 -4.95 -7.55 17.95
CA TYR A 344 -4.70 -6.33 17.14
C TYR A 344 -5.72 -6.25 15.99
N ARG A 345 -5.98 -7.37 15.33
CA ARG A 345 -6.90 -7.39 14.17
C ARG A 345 -8.34 -7.16 14.65
N ILE A 346 -8.74 -7.84 15.71
CA ILE A 346 -10.10 -7.65 16.27
C ILE A 346 -10.26 -6.14 16.53
N ASP A 347 -9.24 -5.49 17.07
CA ASP A 347 -9.40 -4.07 17.33
C ASP A 347 -9.74 -3.31 16.05
N LYS A 348 -9.06 -3.62 14.96
CA LYS A 348 -9.29 -2.91 13.70
C LYS A 348 -10.61 -3.32 13.05
N ILE A 349 -11.10 -4.53 13.31
CA ILE A 349 -12.44 -4.87 12.85
C ILE A 349 -13.46 -4.00 13.58
N ILE A 350 -13.27 -3.83 14.89
CA ILE A 350 -14.16 -2.98 15.66
C ILE A 350 -14.05 -1.54 15.19
N LEU A 351 -12.87 -1.12 14.79
CA LEU A 351 -12.74 0.24 14.26
C LEU A 351 -13.56 0.41 12.98
N GLY A 352 -13.33 -0.45 12.00
CA GLY A 352 -13.95 -0.27 10.70
C GLY A 352 -15.46 -0.34 10.75
N TRP A 353 -15.98 -1.20 11.62
CA TRP A 353 -17.42 -1.36 11.73
C TRP A 353 -18.05 -0.13 12.37
N GLY A 354 -17.55 0.30 13.54
CA GLY A 354 -18.05 1.51 14.15
C GLY A 354 -17.88 2.73 13.26
N LYS A 355 -16.88 2.71 12.38
CA LYS A 355 -16.73 3.81 11.44
C LYS A 355 -17.84 3.80 10.40
N ALA A 356 -18.38 2.62 10.10
CA ALA A 356 -19.41 2.53 9.06
C ALA A 356 -20.76 3.06 9.53
N PHE A 357 -21.01 3.03 10.83
CA PHE A 357 -22.31 3.42 11.40
C PHE A 357 -22.20 4.67 12.24
N THR A 358 -21.28 5.58 11.90
CA THR A 358 -21.16 6.81 12.66
C THR A 358 -22.39 7.68 12.47
N PHE A 359 -23.07 7.54 11.34
CA PHE A 359 -24.30 8.28 11.11
C PHE A 359 -25.47 7.77 11.96
N CYS A 360 -25.28 6.81 12.85
CA CYS A 360 -26.38 6.30 13.65
C CYS A 360 -26.30 6.87 15.06
N ASN A 361 -27.46 6.90 15.73
CA ASN A 361 -27.58 7.49 17.05
C ASN A 361 -27.87 6.51 18.18
N GLY A 362 -28.16 5.26 17.89
CA GLY A 362 -28.51 4.34 18.97
C GLY A 362 -27.34 3.65 19.65
N SER A 363 -27.20 3.91 20.95
CA SER A 363 -26.11 3.37 21.77
C SER A 363 -26.43 2.07 22.49
N GLN A 364 -27.70 1.73 22.69
CA GLN A 364 -28.03 0.54 23.48
C GLN A 364 -27.44 -0.72 22.88
N CYS A 365 -27.58 -0.89 21.56
CA CYS A 365 -27.08 -2.10 20.93
C CYS A 365 -25.58 -2.07 20.68
N MET A 366 -25.02 -0.89 20.44
CA MET A 366 -23.58 -0.69 20.53
C MET A 366 -23.03 -1.12 21.90
N ILE A 367 -23.77 -0.84 22.98
CA ILE A 367 -23.28 -1.20 24.31
C ILE A 367 -23.36 -2.71 24.50
N ALA A 368 -24.43 -3.34 24.02
CA ALA A 368 -24.55 -4.79 24.12
C ALA A 368 -23.47 -5.49 23.30
N LEU A 369 -23.19 -4.99 22.09
CA LEU A 369 -22.07 -5.52 21.32
C LEU A 369 -20.75 -5.31 22.04
N ASP A 370 -20.56 -4.14 22.66
CA ASP A 370 -19.35 -3.93 23.45
C ASP A 370 -19.27 -4.92 24.60
N ASP A 371 -20.41 -5.25 25.22
CA ASP A 371 -20.37 -6.19 26.32
C ASP A 371 -19.92 -7.56 25.85
N PHE A 372 -20.50 -8.04 24.74
CA PHE A 372 -20.13 -9.32 24.16
C PHE A 372 -18.63 -9.37 23.84
N ILE A 373 -18.07 -8.29 23.29
CA ILE A 373 -16.64 -8.27 23.04
C ILE A 373 -15.89 -8.49 24.34
N SER A 374 -16.20 -7.68 25.36
CA SER A 374 -15.49 -7.79 26.62
C SER A 374 -15.61 -9.19 27.23
N ASN A 375 -16.71 -9.89 26.98
CA ASN A 375 -16.84 -11.22 27.55
C ASN A 375 -15.89 -12.18 26.86
N LYS A 376 -16.03 -12.34 25.55
CA LYS A 376 -15.12 -13.17 24.77
C LYS A 376 -13.66 -12.81 25.03
N LEU A 377 -13.34 -11.51 25.13
CA LEU A 377 -11.99 -11.08 25.43
C LEU A 377 -11.51 -11.66 26.75
N ALA A 378 -12.20 -11.34 27.84
CA ALA A 378 -11.76 -11.80 29.14
C ALA A 378 -11.61 -13.32 29.18
N GLN A 379 -12.54 -14.06 28.54
CA GLN A 379 -12.34 -15.50 28.32
C GLN A 379 -11.00 -15.81 27.67
N LEU A 380 -10.63 -15.07 26.63
CA LEU A 380 -9.38 -15.38 25.93
C LEU A 380 -8.19 -15.13 26.85
N GLU A 381 -8.27 -14.11 27.71
CA GLU A 381 -7.22 -13.89 28.68
C GLU A 381 -7.12 -15.05 29.67
N ALA A 382 -8.27 -15.50 30.17
CA ALA A 382 -8.31 -16.70 31.00
C ALA A 382 -7.61 -17.85 30.28
N GLU A 383 -7.91 -18.03 29.00
CA GLU A 383 -7.25 -19.10 28.26
C GLU A 383 -5.76 -18.83 28.08
N LYS A 384 -5.34 -17.56 28.03
CA LYS A 384 -3.92 -17.29 27.86
C LYS A 384 -3.17 -17.39 29.18
N ILE A 385 -3.80 -16.95 30.26
CA ILE A 385 -3.17 -17.11 31.56
C ILE A 385 -2.93 -18.58 31.85
N ALA A 386 -3.92 -19.42 31.56
CA ALA A 386 -3.81 -20.83 31.84
C ALA A 386 -2.63 -21.44 31.08
N ILE A 387 -2.67 -21.38 29.75
CA ILE A 387 -1.62 -21.98 28.93
C ILE A 387 -0.24 -21.51 29.35
N LEU A 388 -0.10 -20.22 29.65
CA LEU A 388 1.22 -19.65 29.89
C LEU A 388 1.75 -19.96 31.29
N ALA A 389 0.86 -20.23 32.25
CA ALA A 389 1.31 -20.65 33.57
C ALA A 389 2.19 -21.90 33.46
N ASN A 390 1.81 -22.83 32.58
CA ASN A 390 2.59 -24.04 32.31
C ASN A 390 3.30 -23.84 30.97
N SER A 391 4.36 -23.02 31.01
CA SER A 391 5.05 -22.67 29.77
C SER A 391 6.46 -22.21 30.06
N ASP A 392 7.39 -22.56 29.17
CA ASP A 392 8.72 -21.97 29.14
C ASP A 392 8.69 -20.69 28.31
N SER A 393 9.85 -20.03 28.20
CA SER A 393 9.93 -18.81 27.40
C SER A 393 9.52 -19.05 25.95
N THR A 394 10.01 -20.14 25.34
CA THR A 394 9.72 -20.40 23.92
C THR A 394 8.23 -20.51 23.67
N VAL A 395 7.50 -21.20 24.56
CA VAL A 395 6.06 -21.27 24.41
C VAL A 395 5.45 -19.88 24.60
N ARG A 396 5.88 -19.18 25.66
CA ARG A 396 5.39 -17.83 25.90
C ARG A 396 5.56 -16.96 24.67
N ARG A 397 6.66 -17.11 23.94
CA ARG A 397 6.83 -16.29 22.76
C ARG A 397 5.94 -16.77 21.62
N ARG A 398 5.73 -18.08 21.49
CA ARG A 398 4.87 -18.57 20.42
C ARG A 398 3.40 -18.22 20.66
N VAL A 399 2.96 -18.29 21.91
CA VAL A 399 1.59 -17.96 22.26
C VAL A 399 1.33 -16.47 22.04
N LEU A 400 2.06 -15.62 22.79
CA LEU A 400 1.84 -14.18 22.71
C LEU A 400 2.02 -13.63 21.31
N GLY A 401 2.83 -14.27 20.48
CA GLY A 401 3.05 -13.72 19.16
C GLY A 401 4.20 -12.76 19.03
N VAL A 402 5.23 -12.89 19.85
CA VAL A 402 6.48 -12.17 19.67
C VAL A 402 7.49 -13.19 19.19
N ARG A 403 7.73 -13.22 17.88
CA ARG A 403 8.59 -14.21 17.24
C ARG A 403 10.01 -14.16 17.78
N LEU A 404 10.72 -15.26 17.60
CA LEU A 404 12.11 -15.38 18.04
C LEU A 404 13.05 -15.09 16.89
N LEU A 405 14.16 -14.42 17.21
CA LEU A 405 15.18 -14.17 16.20
C LEU A 405 15.74 -15.48 15.68
N ILE A 406 15.84 -16.49 16.56
CA ILE A 406 16.41 -17.79 16.22
C ILE A 406 15.60 -18.49 15.12
N ASP A 407 14.32 -18.18 14.99
CA ASP A 407 13.44 -18.91 14.08
C ASP A 407 13.25 -18.15 12.78
N ILE A 408 14.21 -17.30 12.43
CA ILE A 408 14.10 -16.47 11.24
C ILE A 408 14.87 -17.04 10.05
P DDG B 18 -27.89 -4.18 1.92
OP1 DDG B 18 -29.01 -4.74 2.68
OP2 DDG B 18 -26.77 -5.22 1.72
O5' DDG B 18 -28.48 -3.63 0.49
C5' DDG B 18 -28.12 -4.37 -0.67
C4' DDG B 18 -28.13 -3.42 -1.89
O4' DDG B 18 -26.75 -2.75 -2.12
C3' DDG B 18 -28.35 -4.14 -2.91
C2' DDG B 18 -26.91 -4.64 -3.37
C1' DDG B 18 -26.12 -3.61 -3.16
N9 DDG B 18 -24.81 -4.11 -2.58
C8 DDG B 18 -24.44 -4.54 -1.35
N7 DDG B 18 -23.14 -4.86 -1.41
C5 DDG B 18 -22.74 -4.62 -2.67
C6 DDG B 18 -21.38 -4.79 -3.37
O6 DDG B 18 -20.42 -5.21 -2.74
N1 DDG B 18 -21.29 -4.44 -4.75
C2 DDG B 18 -22.42 -3.95 -5.48
N2 DDG B 18 -22.27 -3.61 -6.85
N3 DDG B 18 -23.68 -3.79 -4.83
C4 DDG B 18 -23.80 -4.16 -3.39
N SER C 1 20.60 11.96 -30.74
CA SER C 1 21.47 11.19 -29.82
C SER C 1 20.65 10.07 -29.17
N ARG C 2 21.00 8.83 -29.42
CA ARG C 2 20.19 7.71 -28.90
C ARG C 2 20.22 7.77 -27.37
N LEU C 3 21.37 8.09 -26.80
CA LEU C 3 21.43 8.28 -25.34
C LEU C 3 20.36 9.27 -24.93
N TYR C 4 20.36 10.47 -25.52
CA TYR C 4 19.38 11.43 -25.04
C TYR C 4 17.95 10.97 -25.29
N LYS C 5 17.72 10.34 -26.44
CA LYS C 5 16.39 9.83 -26.80
C LYS C 5 15.86 8.88 -25.73
N ASP C 6 16.71 8.00 -25.20
CA ASP C 6 16.29 7.12 -24.12
C ASP C 6 15.73 7.92 -22.95
N ILE C 7 16.36 9.04 -22.62
CA ILE C 7 15.94 9.82 -21.46
C ILE C 7 14.54 10.39 -21.68
N CYS C 8 14.23 10.83 -22.90
CA CYS C 8 12.91 11.40 -23.14
C CYS C 8 11.84 10.35 -23.47
N SER C 9 12.22 9.09 -23.62
CA SER C 9 11.23 8.06 -23.94
C SER C 9 10.26 7.89 -22.79
N LEU C 10 8.99 7.72 -23.16
CA LEU C 10 7.98 7.56 -22.13
C LEU C 10 8.21 6.27 -21.35
N ARG C 11 8.82 5.24 -21.96
CA ARG C 11 9.13 4.03 -21.19
C ARG C 11 10.08 4.37 -20.05
N THR C 12 11.15 5.14 -20.34
CA THR C 12 12.11 5.49 -19.29
C THR C 12 11.46 6.39 -18.24
N LEU C 13 10.82 7.48 -18.69
CA LEU C 13 10.29 8.44 -17.73
C LEU C 13 9.25 7.79 -16.83
N TYR C 14 8.40 6.91 -17.40
CA TYR C 14 7.45 6.19 -16.55
C TYR C 14 8.16 5.18 -15.65
N GLY C 15 9.19 4.51 -16.16
CA GLY C 15 9.98 3.65 -15.30
C GLY C 15 10.55 4.42 -14.12
N ALA C 16 11.16 5.58 -14.41
CA ALA C 16 11.71 6.43 -13.36
C ALA C 16 10.63 6.86 -12.37
N TRP C 17 9.47 7.29 -12.90
CA TRP C 17 8.39 7.74 -12.04
C TRP C 17 7.86 6.61 -11.17
N ARG C 18 7.80 5.40 -11.72
CA ARG C 18 7.44 4.26 -10.90
C ARG C 18 8.36 4.16 -9.70
N LYS C 19 9.66 4.36 -9.92
CA LYS C 19 10.60 4.35 -8.81
C LYS C 19 10.34 5.51 -7.85
N VAL C 20 10.12 6.70 -8.41
CA VAL C 20 9.91 7.90 -7.54
C VAL C 20 8.62 7.70 -6.72
N ARG C 21 7.51 7.35 -7.36
CA ARG C 21 6.23 7.27 -6.63
C ARG C 21 6.34 6.18 -5.56
N SER C 22 6.99 5.07 -5.86
CA SER C 22 7.05 4.02 -4.85
C SER C 22 7.49 4.59 -3.52
N SER C 23 8.34 5.63 -3.53
CA SER C 23 8.76 6.31 -2.32
C SER C 23 7.75 7.35 -1.86
N ALA C 24 7.44 8.29 -2.75
CA ALA C 24 6.53 9.41 -2.40
C ALA C 24 5.23 8.90 -1.73
N PHE C 25 4.62 7.85 -2.28
CA PHE C 25 3.31 7.41 -1.73
C PHE C 25 3.46 7.00 -0.26
N LEU C 26 4.68 6.62 0.15
CA LEU C 26 4.92 6.23 1.53
C LEU C 26 5.52 7.34 2.39
N SER C 27 5.60 8.56 1.87
CA SER C 27 6.32 9.64 2.54
C SER C 27 5.69 10.05 3.86
N SER C 28 6.53 10.29 4.87
CA SER C 28 5.99 10.89 6.10
C SER C 28 5.42 12.26 5.82
N SER C 29 6.06 12.99 4.90
CA SER C 29 5.56 14.34 4.52
C SER C 29 4.28 14.20 3.69
N ASP C 30 3.18 14.75 4.17
CA ASP C 30 1.88 14.66 3.45
C ASP C 30 2.02 15.36 2.09
N GLU C 31 2.74 16.47 2.05
CA GLU C 31 2.90 17.25 0.78
C GLU C 31 3.50 16.36 -0.30
N ILE C 32 4.55 15.60 0.04
CA ILE C 32 5.24 14.72 -0.96
C ILE C 32 4.23 13.69 -1.48
N ARG C 33 3.45 13.09 -0.57
CA ARG C 33 2.43 12.09 -0.99
C ARG C 33 1.42 12.77 -1.93
N ARG C 34 0.87 13.90 -1.50
CA ARG C 34 -0.17 14.60 -2.27
C ARG C 34 0.38 15.10 -3.60
N GLU C 35 1.63 15.58 -3.60
CA GLU C 35 2.26 16.03 -4.85
C GLU C 35 2.30 14.83 -5.78
N ALA C 36 2.54 13.66 -5.22
CA ALA C 36 2.61 12.41 -6.01
C ALA C 36 1.21 12.02 -6.51
N GLU C 37 0.20 12.16 -5.65
CA GLU C 37 -1.19 11.88 -6.09
C GLU C 37 -1.52 12.83 -7.24
N GLU C 38 -1.13 14.11 -7.12
CA GLU C 38 -1.36 15.09 -8.20
C GLU C 38 -0.59 14.66 -9.45
N PHE C 39 0.61 14.11 -9.29
CA PHE C 39 1.36 13.63 -10.48
C PHE C 39 0.75 12.33 -11.03
N GLU C 40 0.35 11.43 -10.14
CA GLU C 40 -0.26 10.13 -10.56
C GLU C 40 -1.54 10.44 -11.33
N SER C 41 -2.33 11.39 -10.84
CA SER C 41 -3.50 11.84 -11.63
C SER C 41 -2.88 12.59 -12.79
N ARG C 42 -3.54 12.67 -13.94
CA ARG C 42 -2.92 13.31 -15.12
C ARG C 42 -1.65 12.56 -15.50
N LEU C 43 -1.51 11.29 -15.09
CA LEU C 43 -0.19 10.62 -15.29
C LEU C 43 0.24 10.62 -16.75
N PRO C 44 -0.56 10.19 -17.75
CA PRO C 44 -0.03 10.17 -19.09
C PRO C 44 0.54 11.56 -19.35
N ASP C 45 -0.24 12.61 -19.10
CA ASP C 45 0.16 14.00 -19.47
C ASP C 45 1.27 14.54 -18.57
N SER C 46 1.23 14.25 -17.27
CA SER C 46 2.23 14.81 -16.37
C SER C 46 3.64 14.35 -16.75
N LEU C 47 3.80 13.15 -17.31
CA LEU C 47 5.13 12.75 -17.80
C LEU C 47 5.38 13.25 -19.23
N ILE C 48 4.35 13.36 -20.08
CA ILE C 48 4.53 13.90 -21.43
C ILE C 48 5.01 15.35 -21.39
N GLU C 49 4.54 16.12 -20.42
CA GLU C 49 5.07 17.46 -20.21
C GLU C 49 6.59 17.44 -20.08
N ILE C 50 7.07 16.63 -19.14
CA ILE C 50 8.50 16.44 -18.94
C ILE C 50 9.16 15.95 -20.22
N GLN C 51 8.57 14.93 -20.85
CA GLN C 51 9.12 14.45 -22.11
C GLN C 51 9.21 15.59 -23.12
N HIS C 52 8.15 16.39 -23.23
CA HIS C 52 8.16 17.53 -24.13
C HIS C 52 9.30 18.49 -23.80
N ALA C 53 9.39 18.91 -22.54
CA ALA C 53 10.46 19.83 -22.16
C ALA C 53 11.82 19.23 -22.49
N LEU C 54 12.02 17.98 -22.08
CA LEU C 54 13.30 17.31 -22.30
C LEU C 54 13.63 17.28 -23.79
N SER C 55 12.63 16.96 -24.62
CA SER C 55 12.84 16.85 -26.06
C SER C 55 13.24 18.20 -26.66
N LYS C 56 12.50 19.27 -26.35
CA LYS C 56 12.85 20.60 -26.83
C LYS C 56 13.98 21.20 -26.03
N GLN C 57 14.54 20.45 -25.09
CA GLN C 57 15.67 20.87 -24.24
C GLN C 57 15.37 22.18 -23.50
N ILE C 58 14.16 22.31 -23.02
CA ILE C 58 13.78 23.46 -22.19
C ILE C 58 13.34 23.00 -20.80
N PHE C 59 13.80 21.82 -20.36
CA PHE C 59 13.40 21.35 -19.04
C PHE C 59 14.09 22.16 -17.96
N ILE C 60 13.32 22.47 -16.92
CA ILE C 60 13.73 23.35 -15.84
C ILE C 60 13.65 22.58 -14.53
N PHE C 61 14.80 22.40 -13.89
CA PHE C 61 14.79 21.87 -12.53
C PHE C 61 14.25 22.93 -11.56
N LEU C 62 13.20 22.56 -10.82
CA LEU C 62 12.62 23.53 -9.90
C LEU C 62 13.51 23.69 -8.67
N GLN C 63 13.32 24.80 -7.97
CA GLN C 63 14.11 25.06 -6.78
C GLN C 63 13.80 23.99 -5.73
N GLN C 64 14.83 23.60 -4.99
CA GLN C 64 14.69 22.53 -4.01
C GLN C 64 14.49 23.11 -2.63
N THR C 65 14.44 22.23 -1.63
CA THR C 65 14.33 22.64 -0.24
C THR C 65 15.39 21.90 0.57
N GLY C 66 16.30 22.63 1.16
CA GLY C 66 17.34 22.04 2.00
C GLY C 66 16.84 21.93 3.42
N VAL C 67 16.91 20.72 3.98
CA VAL C 67 16.48 20.49 5.38
C VAL C 67 17.62 19.80 6.14
N ALA C 68 17.52 19.74 7.47
CA ALA C 68 18.60 19.14 8.29
C ALA C 68 18.12 17.81 8.88
N GLN C 69 18.67 16.69 8.41
CA GLN C 69 18.31 15.36 8.95
C GLN C 69 18.98 15.17 10.31
N LYS C 70 18.23 14.71 11.31
CA LYS C 70 18.80 14.48 12.66
C LYS C 70 20.04 13.58 12.51
N LYS C 71 21.21 14.08 12.94
CA LYS C 71 22.46 13.29 12.85
C LYS C 71 23.20 13.39 14.19
N GLY C 73 26.00 11.95 15.39
CA GLY C 73 27.46 12.10 15.27
C GLY C 73 27.86 13.30 14.44
N GLY C 74 27.73 13.22 13.11
CA GLY C 74 28.18 14.31 12.23
C GLY C 74 27.18 15.46 12.15
N LYS C 75 27.50 16.49 11.36
CA LYS C 75 26.57 17.65 11.21
C LYS C 75 25.25 17.18 10.60
N SER C 76 24.13 17.75 11.05
CA SER C 76 22.79 17.32 10.55
C SER C 76 22.87 17.08 9.04
N ARG C 77 22.52 15.86 8.59
CA ARG C 77 22.63 15.52 7.15
C ARG C 77 21.89 16.57 6.31
N PRO C 78 22.56 17.18 5.29
CA PRO C 78 21.92 18.19 4.44
C PRO C 78 21.01 17.51 3.42
N LEU C 79 19.74 17.30 3.77
CA LEU C 79 18.80 16.59 2.85
C LEU C 79 18.26 17.57 1.80
N VAL C 80 18.63 17.37 0.54
CA VAL C 80 18.09 18.21 -0.53
C VAL C 80 16.81 17.54 -1.05
N LEU C 81 15.65 18.12 -0.72
CA LEU C 81 14.34 17.65 -1.16
C LEU C 81 13.89 18.42 -2.39
N ALA C 82 13.61 17.72 -3.48
CA ALA C 82 13.28 18.35 -4.75
C ALA C 82 11.86 18.02 -5.20
N PRO C 83 11.30 18.83 -6.10
CA PRO C 83 9.99 18.52 -6.68
C PRO C 83 10.01 17.23 -7.50
N ILE C 84 8.81 16.67 -7.68
CA ILE C 84 8.65 15.42 -8.42
C ILE C 84 9.31 15.47 -9.80
N PRO C 85 9.08 16.50 -10.62
CA PRO C 85 9.75 16.50 -11.93
C PRO C 85 11.27 16.44 -11.85
N ASN C 86 11.88 17.10 -10.87
CA ASN C 86 13.32 16.93 -10.67
C ASN C 86 13.67 15.48 -10.39
N ARG C 87 13.05 14.89 -9.38
CA ARG C 87 13.34 13.51 -9.00
C ARG C 87 13.08 12.54 -10.14
N VAL C 88 12.02 12.78 -10.92
CA VAL C 88 11.73 11.91 -12.06
C VAL C 88 12.85 12.00 -13.09
N VAL C 89 13.21 13.22 -13.48
CA VAL C 89 14.26 13.40 -14.48
C VAL C 89 15.59 12.88 -13.95
N GLN C 90 15.83 13.05 -12.65
CA GLN C 90 17.07 12.56 -12.05
C GLN C 90 17.12 11.04 -12.06
N ARG C 91 16.02 10.39 -11.67
CA ARG C 91 15.99 8.93 -11.69
C ARG C 91 16.11 8.41 -13.13
N ALA C 92 15.48 9.11 -14.09
CA ALA C 92 15.66 8.78 -15.50
C ALA C 92 17.13 8.77 -15.88
N LEU C 93 17.86 9.85 -15.56
CA LEU C 93 19.27 9.92 -15.91
C LEU C 93 20.02 8.72 -15.36
N LEU C 94 19.78 8.37 -14.09
CA LEU C 94 20.47 7.22 -13.51
C LEU C 94 20.18 5.96 -14.29
N ASP C 95 18.93 5.77 -14.72
CA ASP C 95 18.62 4.52 -15.40
C ASP C 95 19.30 4.45 -16.76
N VAL C 96 19.29 5.56 -17.50
CA VAL C 96 19.91 5.55 -18.82
C VAL C 96 21.43 5.48 -18.69
N LEU C 97 22.00 6.20 -17.73
CA LEU C 97 23.45 6.13 -17.53
C LEU C 97 23.90 4.71 -17.22
N GLN C 98 23.16 3.99 -16.37
CA GLN C 98 23.68 2.71 -15.89
C GLN C 98 23.50 1.58 -16.90
N ARG C 99 22.72 1.79 -17.95
CA ARG C 99 22.61 0.76 -18.96
C ARG C 99 23.30 1.13 -20.27
N ARG C 100 23.68 2.40 -20.43
CA ARG C 100 24.24 2.83 -21.74
C ARG C 100 25.65 3.42 -21.65
N VAL C 101 26.18 3.71 -20.46
CA VAL C 101 27.51 4.37 -20.44
C VAL C 101 28.54 3.38 -19.90
N ARG C 102 29.60 3.14 -20.67
CA ARG C 102 30.60 2.12 -20.29
C ARG C 102 31.26 2.54 -18.98
N LEU C 103 31.60 3.82 -18.83
CA LEU C 103 32.34 4.24 -17.63
C LEU C 103 31.45 3.92 -16.44
N VAL C 104 30.16 4.18 -16.57
CA VAL C 104 29.22 3.92 -15.43
C VAL C 104 29.24 2.41 -15.20
N LYS C 105 28.95 1.64 -16.25
CA LYS C 105 28.87 0.17 -16.03
C LYS C 105 30.23 -0.35 -15.55
N ARG C 106 31.32 0.29 -15.98
CA ARG C 106 32.68 -0.10 -15.52
C ARG C 106 32.78 0.18 -14.02
N VAL C 107 32.37 1.38 -13.59
CA VAL C 107 32.36 1.73 -12.17
C VAL C 107 31.45 0.80 -11.39
N LEU C 108 30.27 0.47 -11.95
CA LEU C 108 29.43 -0.55 -11.32
C LEU C 108 30.11 -1.90 -11.33
N GLY C 109 30.91 -2.16 -12.38
CA GLY C 109 31.61 -3.43 -12.51
C GLY C 109 32.68 -3.65 -11.47
N THR C 110 33.32 -2.57 -11.01
CA THR C 110 34.43 -2.62 -10.05
C THR C 110 34.27 -3.70 -8.97
N PRO C 111 35.20 -4.66 -8.92
CA PRO C 111 35.02 -5.81 -8.01
C PRO C 111 35.12 -5.48 -6.54
N THR C 112 35.90 -4.48 -6.17
CA THR C 112 36.05 -4.12 -4.77
C THR C 112 35.07 -3.04 -4.29
N SER C 113 34.21 -2.52 -5.16
CA SER C 113 33.15 -1.59 -4.76
C SER C 113 31.83 -2.33 -4.61
N TYR C 114 31.08 -2.02 -3.54
CA TYR C 114 29.86 -2.76 -3.23
C TYR C 114 28.65 -1.92 -2.83
N GLY C 115 28.83 -0.66 -2.44
CA GLY C 115 27.73 0.15 -1.92
C GLY C 115 26.96 0.81 -3.05
N GLY C 116 25.64 0.71 -2.98
CA GLY C 116 24.82 1.39 -3.97
C GLY C 116 25.02 0.91 -5.39
N ILE C 117 25.46 -0.32 -5.57
CA ILE C 117 25.71 -0.91 -6.89
C ILE C 117 24.62 -1.96 -7.15
N PRO C 118 23.93 -1.93 -8.31
CA PRO C 118 22.98 -2.97 -8.64
C PRO C 118 23.58 -4.38 -8.55
N ASP C 119 22.85 -5.32 -7.98
CA ASP C 119 23.28 -6.75 -7.90
C ASP C 119 24.35 -6.92 -6.82
N LYS C 120 24.55 -5.91 -5.99
CA LYS C 120 25.63 -5.98 -4.96
C LYS C 120 25.05 -5.72 -3.58
N ARG C 121 25.53 -6.45 -2.58
CA ARG C 121 24.96 -6.37 -1.21
C ARG C 121 26.09 -6.38 -0.16
N VAL C 122 25.78 -5.99 1.06
CA VAL C 122 26.80 -5.91 2.15
C VAL C 122 27.36 -7.31 2.35
N ALA C 123 26.52 -8.34 2.23
CA ALA C 123 26.97 -9.72 2.53
C ALA C 123 28.11 -10.08 1.57
N MET C 124 28.01 -9.67 0.32
CA MET C 124 29.04 -10.06 -0.67
C MET C 124 30.40 -9.49 -0.23
N ALA C 125 30.43 -8.26 0.25
CA ALA C 125 31.69 -7.67 0.71
C ALA C 125 32.20 -8.45 1.92
N ILE C 126 31.34 -8.59 2.92
CA ILE C 126 31.73 -9.36 4.10
C ILE C 126 32.30 -10.70 3.69
N ALA C 127 31.79 -11.30 2.62
CA ALA C 127 32.33 -12.58 2.17
C ALA C 127 33.74 -12.40 1.61
N ASP C 128 33.91 -11.47 0.67
CA ASP C 128 35.21 -11.19 0.09
C ASP C 128 36.26 -10.85 1.15
N ALA C 129 35.87 -10.08 2.16
CA ALA C 129 36.78 -9.75 3.26
C ALA C 129 37.26 -11.02 3.95
N ARG C 130 36.32 -11.82 4.43
CA ARG C 130 36.71 -13.04 5.11
C ARG C 130 37.44 -13.99 4.16
N GLU C 131 37.28 -13.81 2.84
CA GLU C 131 38.07 -14.58 1.88
C GLU C 131 39.52 -14.09 1.81
N ALA C 132 39.75 -12.79 1.98
CA ALA C 132 41.12 -12.26 1.97
C ALA C 132 41.92 -12.78 3.14
N MET C 133 41.36 -12.72 4.34
CA MET C 133 41.87 -13.56 5.40
C MET C 133 41.58 -14.97 4.92
N ARG C 134 42.46 -15.94 5.19
CA ARG C 134 42.33 -17.20 4.46
C ARG C 134 42.82 -17.06 3.01
N THR C 135 43.47 -15.92 2.68
CA THR C 135 44.41 -15.82 1.57
C THR C 135 45.62 -14.95 1.92
N GLY C 136 45.86 -14.68 3.20
CA GLY C 136 47.02 -13.90 3.61
C GLY C 136 46.69 -12.55 4.21
N ALA C 137 45.43 -12.27 4.51
CA ALA C 137 45.04 -11.02 5.16
C ALA C 137 45.01 -11.28 6.66
N ARG C 138 46.01 -10.72 7.33
CA ARG C 138 46.35 -10.99 8.72
C ARG C 138 46.23 -9.74 9.60
N PHE C 139 46.01 -8.58 8.96
CA PHE C 139 45.86 -7.28 9.60
C PHE C 139 44.90 -6.44 8.78
N HIS C 140 44.33 -5.41 9.42
CA HIS C 140 43.38 -4.55 8.75
C HIS C 140 43.51 -3.11 9.22
N ILE C 141 43.06 -2.20 8.35
CA ILE C 141 42.54 -0.89 8.75
C ILE C 141 41.16 -0.74 8.12
N ARG C 142 40.18 -0.32 8.90
CA ARG C 142 38.87 0.07 8.38
C ARG C 142 38.64 1.53 8.69
N SER C 143 38.33 2.32 7.66
CA SER C 143 38.08 3.77 7.85
C SER C 143 36.99 4.26 6.89
N ASP C 144 36.49 5.47 7.10
CA ASP C 144 35.45 6.05 6.21
C ASP C 144 35.78 7.52 5.91
N ILE C 145 35.17 8.09 4.87
CA ILE C 145 35.46 9.50 4.46
C ILE C 145 34.53 10.45 5.22
N PRO C 146 35.04 11.38 6.05
CA PRO C 146 34.19 12.36 6.73
C PRO C 146 33.43 13.21 5.71
N ALA C 147 32.11 13.37 5.89
CA ALA C 147 31.31 14.23 4.99
C ALA C 147 31.72 13.97 3.54
N PHE C 148 31.63 12.71 3.10
CA PHE C 148 32.08 12.35 1.72
C PHE C 148 31.36 13.20 0.67
N PHE C 149 30.03 13.09 0.58
CA PHE C 149 29.31 13.81 -0.50
C PHE C 149 29.66 15.29 -0.50
N THR C 150 29.64 15.92 0.68
CA THR C 150 29.93 17.37 0.80
C THR C 150 31.27 17.72 0.17
N LYS C 151 32.27 16.86 0.35
CA LYS C 151 33.62 17.19 -0.15
C LYS C 151 33.73 16.80 -1.62
N ILE C 152 32.83 15.96 -2.11
CA ILE C 152 32.84 15.64 -3.57
C ILE C 152 32.81 16.95 -4.37
N ASN C 153 33.64 17.07 -5.41
CA ASN C 153 33.71 18.31 -6.22
C ASN C 153 32.95 18.08 -7.54
N LYS C 154 31.93 18.91 -7.81
CA LYS C 154 31.13 18.73 -9.01
C LYS C 154 31.90 19.08 -10.28
N ASP C 155 32.94 19.90 -10.17
CA ASP C 155 33.77 20.20 -11.34
C ASP C 155 34.60 18.99 -11.73
N ARG C 156 35.13 18.26 -10.73
CA ARG C 156 35.83 17.02 -11.05
C ARG C 156 34.82 15.98 -11.57
N VAL C 157 33.63 15.92 -10.97
CA VAL C 157 32.59 15.03 -11.48
C VAL C 157 32.36 15.30 -12.95
N LEU C 158 32.13 16.56 -13.29
CA LEU C 158 31.88 16.94 -14.66
C LEU C 158 33.04 16.57 -15.59
N GLU C 159 34.28 16.83 -15.15
CA GLU C 159 35.41 16.61 -16.05
C GLU C 159 35.60 15.12 -16.34
N LEU C 160 35.27 14.26 -15.37
CA LEU C 160 35.40 12.83 -15.58
C LEU C 160 34.32 12.31 -16.51
N LEU C 161 33.21 13.02 -16.59
CA LEU C 161 32.04 12.56 -17.33
C LEU C 161 31.98 13.14 -18.74
N ARG C 162 32.67 14.23 -19.00
CA ARG C 162 32.62 14.83 -20.33
C ARG C 162 33.08 13.87 -21.42
N PRO C 163 34.21 13.15 -21.28
CA PRO C 163 34.59 12.20 -22.34
C PRO C 163 33.53 11.18 -22.71
N HIS C 164 32.91 10.52 -21.74
CA HIS C 164 32.07 9.37 -22.04
C HIS C 164 30.62 9.73 -22.29
N LEU C 165 30.32 10.99 -22.60
CA LEU C 165 28.94 11.42 -22.74
C LEU C 165 28.51 11.55 -24.20
N ASN C 166 29.37 12.06 -25.05
CA ASN C 166 29.17 12.06 -26.50
C ASN C 166 27.85 12.72 -26.89
N CYS C 167 27.29 13.54 -26.00
CA CYS C 167 26.03 14.22 -26.25
C CYS C 167 26.04 15.49 -25.43
N GLU C 168 26.19 16.62 -26.11
CA GLU C 168 26.24 17.89 -25.38
C GLU C 168 24.92 18.19 -24.70
N ALA C 169 23.81 17.62 -25.19
CA ALA C 169 22.52 17.81 -24.53
C ALA C 169 22.45 17.06 -23.20
N THR C 170 22.84 15.78 -23.20
CA THR C 170 22.89 15.05 -21.94
C THR C 170 23.88 15.68 -20.98
N LEU C 171 24.90 16.37 -21.49
CA LEU C 171 25.84 17.04 -20.58
C LEU C 171 25.15 18.20 -19.87
N LYS C 172 24.41 19.02 -20.60
CA LYS C 172 23.65 20.09 -19.98
C LYS C 172 22.68 19.56 -18.94
N LEU C 173 21.91 18.53 -19.32
CA LEU C 173 20.95 17.96 -18.40
C LEU C 173 21.64 17.45 -17.15
N PHE C 174 22.71 16.68 -17.33
CA PHE C 174 23.45 16.16 -16.19
C PHE C 174 23.98 17.31 -15.33
N GLU C 175 24.44 18.39 -15.97
CA GLU C 175 24.92 19.56 -15.25
C GLU C 175 23.83 20.17 -14.37
N GLU C 176 22.66 20.41 -14.96
CA GLU C 176 21.54 20.96 -14.20
C GLU C 176 20.99 19.98 -13.17
N ALA C 177 21.13 18.68 -13.43
CA ALA C 177 20.64 17.68 -12.48
C ALA C 177 21.38 17.78 -11.16
N ILE C 178 22.68 18.07 -11.20
CA ILE C 178 23.51 18.00 -10.00
C ILE C 178 23.69 19.35 -9.32
N ARG C 179 23.17 20.44 -9.91
CA ARG C 179 23.11 21.71 -9.21
C ARG C 179 22.13 21.64 -8.05
N THR C 180 22.34 22.48 -7.04
CA THR C 180 21.35 22.66 -5.99
C THR C 180 21.03 24.13 -5.89
N ASP C 181 19.74 24.47 -6.02
CA ASP C 181 19.25 25.85 -5.89
C ASP C 181 18.18 25.78 -4.83
N LEU C 182 18.53 26.16 -3.59
CA LEU C 182 17.63 26.01 -2.47
C LEU C 182 16.73 27.24 -2.40
N ALA C 183 15.42 27.00 -2.40
CA ALA C 183 14.46 28.08 -2.37
C ALA C 183 14.31 28.70 -0.99
N ASN C 184 14.66 27.95 0.06
CA ASN C 184 14.66 28.44 1.43
C ASN C 184 16.05 28.92 1.87
N ILE C 185 16.83 29.45 0.92
CA ILE C 185 18.23 29.80 1.19
C ILE C 185 18.33 30.91 2.24
N ASP C 186 17.46 31.91 2.16
CA ASP C 186 17.50 33.05 3.09
C ASP C 186 17.21 32.60 4.52
N ASP C 187 16.17 31.80 4.72
CA ASP C 187 15.91 31.24 6.03
C ASP C 187 17.10 30.43 6.52
N LEU C 188 17.79 29.77 5.59
CA LEU C 188 18.93 28.92 5.93
C LEU C 188 20.15 29.74 6.31
N ARG C 189 20.39 30.83 5.59
CA ARG C 189 21.41 31.79 6.04
C ARG C 189 21.11 32.26 7.46
N ARG C 190 19.85 32.60 7.74
CA ARG C 190 19.48 33.18 9.04
C ARG C 190 19.79 32.24 10.19
N LYS C 191 19.63 30.93 10.00
CA LYS C 191 20.03 30.00 11.04
C LYS C 191 21.52 29.68 10.99
N GLY C 192 22.25 30.26 10.04
CA GLY C 192 23.65 29.93 9.88
C GLY C 192 23.88 28.53 9.34
N LEU C 193 22.98 28.05 8.48
CA LEU C 193 23.01 26.67 8.02
C LEU C 193 23.30 26.50 6.55
N ASP C 194 23.38 27.60 5.79
CA ASP C 194 23.57 27.50 4.35
C ASP C 194 24.85 26.76 3.96
N GLU C 195 25.92 26.90 4.76
CA GLU C 195 27.25 26.49 4.28
C GLU C 195 27.40 24.97 4.18
N ILE C 196 26.52 24.16 4.78
CA ILE C 196 26.68 22.72 4.70
C ILE C 196 26.00 22.12 3.48
N PHE C 197 25.35 22.92 2.69
CA PHE C 197 24.66 22.38 1.56
C PHE C 197 25.48 22.58 0.30
N PRO C 198 25.30 21.74 -0.75
CA PRO C 198 26.12 21.83 -1.96
C PRO C 198 25.73 22.97 -2.90
N ILE C 199 25.56 24.17 -2.34
CA ILE C 199 25.06 25.31 -3.11
C ILE C 199 26.15 25.88 -4.01
N GLY C 200 27.42 25.61 -3.68
CA GLY C 200 28.54 25.85 -4.56
C GLY C 200 28.93 24.60 -5.30
N ILE C 201 30.14 24.62 -5.87
CA ILE C 201 30.58 23.47 -6.66
C ILE C 201 30.99 22.28 -5.79
N GLU C 202 31.24 22.47 -4.50
CA GLU C 202 31.59 21.37 -3.62
C GLU C 202 30.31 20.77 -3.03
N GLY C 203 30.20 19.45 -3.15
CA GLY C 203 29.07 18.68 -2.69
C GLY C 203 28.15 18.24 -3.82
N VAL C 204 27.48 17.11 -3.59
CA VAL C 204 26.37 16.68 -4.42
C VAL C 204 25.15 16.57 -3.50
N ALA C 205 23.98 16.64 -4.10
CA ALA C 205 22.75 16.69 -3.31
C ALA C 205 22.47 15.33 -2.67
N GLN C 206 22.45 15.31 -1.35
CA GLN C 206 22.08 14.11 -0.60
C GLN C 206 20.58 14.01 -0.61
N GLY C 207 20.07 12.99 -1.31
CA GLY C 207 18.67 12.93 -1.70
C GLY C 207 18.47 12.87 -3.20
N SER C 208 19.48 13.18 -4.01
CA SER C 208 19.37 12.88 -5.44
C SER C 208 19.73 11.42 -5.72
N PRO C 209 19.04 10.79 -6.66
CA PRO C 209 19.42 9.43 -7.06
C PRO C 209 20.77 9.35 -7.74
N LEU C 210 21.28 10.44 -8.32
CA LEU C 210 22.57 10.38 -9.01
C LEU C 210 23.76 10.36 -8.04
N SER C 211 23.59 10.83 -6.82
CA SER C 211 24.73 11.07 -5.95
C SER C 211 25.50 9.78 -5.61
N PRO C 212 24.87 8.68 -5.21
CA PRO C 212 25.67 7.45 -4.98
C PRO C 212 26.48 7.00 -6.21
N LEU C 213 25.92 7.08 -7.42
CA LEU C 213 26.74 6.81 -8.60
C LEU C 213 27.88 7.82 -8.70
N LEU C 214 27.56 9.10 -8.55
CA LEU C 214 28.59 10.14 -8.53
C LEU C 214 29.70 9.80 -7.55
N ALA C 215 29.34 9.44 -6.32
CA ALA C 215 30.37 9.09 -5.34
C ALA C 215 31.23 7.93 -5.85
N ASN C 216 30.59 6.87 -6.36
CA ASN C 216 31.33 5.70 -6.81
C ASN C 216 32.23 6.03 -7.99
N ILE C 217 31.81 6.97 -8.84
CA ILE C 217 32.69 7.42 -9.90
C ILE C 217 33.85 8.22 -9.32
N TYR C 218 33.58 8.99 -8.28
CA TYR C 218 34.62 9.82 -7.68
C TYR C 218 35.77 8.98 -7.16
N LEU C 219 35.48 7.80 -6.64
CA LEU C 219 36.50 6.91 -6.08
C LEU C 219 36.95 5.85 -7.05
N ALA C 220 36.63 5.98 -8.34
CA ALA C 220 37.19 5.06 -9.33
C ALA C 220 38.70 5.01 -9.20
N ASP C 221 39.34 6.19 -9.19
CA ASP C 221 40.80 6.23 -9.05
C ASP C 221 41.22 5.60 -7.73
N PHE C 222 40.58 6.00 -6.62
CA PHE C 222 40.90 5.43 -5.31
C PHE C 222 40.81 3.91 -5.32
N ASP C 223 39.75 3.37 -5.92
CA ASP C 223 39.56 1.93 -5.89
C ASP C 223 40.70 1.21 -6.59
N LEU C 224 41.20 1.78 -7.69
CA LEU C 224 42.28 1.13 -8.42
C LEU C 224 43.59 1.25 -7.66
N ALA C 225 43.97 2.49 -7.27
CA ALA C 225 45.20 2.72 -6.54
C ALA C 225 45.34 1.79 -5.33
N MET C 226 44.26 1.65 -4.55
CA MET C 226 44.35 0.95 -3.27
C MET C 226 44.41 -0.56 -3.41
N ASN C 227 44.00 -1.12 -4.55
CA ASN C 227 44.07 -2.57 -4.74
C ASN C 227 45.36 -2.89 -5.47
N SER C 228 46.43 -2.89 -4.70
CA SER C 228 47.80 -3.03 -5.20
C SER C 228 48.71 -3.30 -4.01
N ASN C 229 49.93 -3.77 -4.31
CA ASN C 229 50.96 -4.01 -3.27
C ASN C 229 50.52 -5.06 -2.26
N GLY C 230 49.81 -6.09 -2.70
CA GLY C 230 49.43 -7.18 -1.79
C GLY C 230 48.50 -6.67 -0.70
N ILE C 231 47.91 -5.50 -0.93
CA ILE C 231 46.91 -4.96 0.04
C ILE C 231 45.56 -4.95 -0.66
N THR C 232 44.53 -5.51 -0.02
CA THR C 232 43.21 -5.60 -0.67
C THR C 232 42.27 -4.61 0.02
N CYS C 233 41.64 -3.75 -0.77
CA CYS C 233 40.72 -2.73 -0.18
C CYS C 233 39.30 -3.03 -0.65
N LEU C 234 38.36 -3.14 0.29
CA LEU C 234 36.94 -3.33 -0.08
C LEU C 234 36.19 -2.07 0.33
N ARG C 235 35.54 -1.41 -0.61
CA ARG C 235 34.87 -0.13 -0.29
C ARG C 235 33.36 -0.18 -0.49
N TYR C 236 32.58 0.18 0.53
CA TYR C 236 31.12 0.33 0.34
C TYR C 236 30.87 1.83 0.54
N ILE C 237 30.47 2.54 -0.51
CA ILE C 237 30.29 4.02 -0.43
C ILE C 237 31.61 4.60 0.11
N ASP C 238 31.55 5.47 1.12
CA ASP C 238 32.77 6.01 1.78
C ASP C 238 33.56 4.95 2.54
N ASP C 239 32.90 4.00 3.21
CA ASP C 239 33.67 3.06 4.08
C ASP C 239 34.61 2.20 3.25
N PHE C 240 35.87 2.08 3.68
CA PHE C 240 36.87 1.22 3.00
C PHE C 240 37.55 0.31 4.02
N LEU C 241 37.70 -0.96 3.68
CA LEU C 241 38.41 -1.91 4.57
C LEU C 241 39.70 -2.31 3.87
N LEU C 242 40.82 -2.03 4.51
CA LEU C 242 42.12 -2.45 3.94
C LEU C 242 42.55 -3.75 4.64
N LEU C 243 42.87 -4.79 3.86
CA LEU C 243 43.25 -6.11 4.44
C LEU C 243 44.67 -6.48 3.97
N GLY C 244 45.55 -6.89 4.88
CA GLY C 244 46.94 -7.16 4.49
C GLY C 244 47.65 -8.16 5.38
N ALA C 245 48.79 -8.67 4.92
CA ALA C 245 49.59 -9.67 5.69
C ALA C 245 50.24 -9.04 6.91
N SER C 246 50.76 -7.81 6.79
CA SER C 246 51.52 -7.23 7.92
C SER C 246 50.92 -5.91 8.41
N LEU C 247 50.86 -5.72 9.72
CA LEU C 247 50.42 -4.42 10.24
C LEU C 247 51.16 -3.28 9.56
N SER C 248 52.48 -3.42 9.41
CA SER C 248 53.25 -2.46 8.63
C SER C 248 52.62 -2.22 7.26
N ASP C 249 52.25 -3.30 6.57
CA ASP C 249 51.77 -3.19 5.19
C ASP C 249 50.47 -2.38 5.10
N VAL C 250 49.49 -2.70 5.94
CA VAL C 250 48.24 -1.95 5.91
C VAL C 250 48.49 -0.53 6.41
N ASP C 251 49.36 -0.37 7.42
CA ASP C 251 49.65 0.98 7.96
C ASP C 251 50.14 1.86 6.83
N LYS C 252 51.06 1.34 6.02
CA LYS C 252 51.56 2.10 4.86
C LYS C 252 50.44 2.36 3.87
N ALA C 253 49.56 1.38 3.66
CA ALA C 253 48.48 1.52 2.67
C ALA C 253 47.53 2.65 3.09
N PHE C 254 47.23 2.74 4.38
CA PHE C 254 46.32 3.81 4.87
C PHE C 254 47.00 5.14 4.59
N ASN C 255 48.31 5.18 4.79
CA ASN C 255 49.08 6.42 4.52
C ASN C 255 48.97 6.73 3.03
N ARG C 256 49.07 5.71 2.17
CA ARG C 256 48.91 5.94 0.71
C ARG C 256 47.49 6.43 0.46
N ALA C 257 46.53 5.85 1.16
CA ALA C 257 45.13 6.25 1.00
C ALA C 257 45.01 7.72 1.39
N LEU C 258 45.64 8.13 2.48
CA LEU C 258 45.43 9.53 2.84
C LEU C 258 45.85 10.45 1.70
N LYS C 259 46.96 10.13 1.03
CA LYS C 259 47.37 10.94 -0.12
C LYS C 259 46.37 10.82 -1.26
N GLU C 260 45.85 9.60 -1.48
CA GLU C 260 44.99 9.33 -2.62
C GLU C 260 43.64 10.05 -2.50
N LEU C 261 43.06 10.05 -1.29
CA LEU C 261 41.85 10.83 -1.04
C LEU C 261 42.17 12.32 -0.95
N GLY C 262 43.40 12.66 -0.58
CA GLY C 262 43.80 14.05 -0.51
C GLY C 262 43.77 14.75 -1.87
N LYS C 263 44.19 14.04 -2.93
CA LYS C 263 44.15 14.63 -4.27
C LYS C 263 42.76 15.13 -4.62
N ILE C 264 41.71 14.46 -4.14
CA ILE C 264 40.35 14.73 -4.57
C ILE C 264 39.52 15.31 -3.44
N GLY C 265 40.19 15.85 -2.42
CA GLY C 265 39.54 16.63 -1.38
C GLY C 265 39.01 15.86 -0.19
N LEU C 266 39.40 14.61 -0.01
CA LEU C 266 38.81 13.81 1.04
C LEU C 266 39.87 13.39 2.06
N GLU C 267 39.43 13.26 3.31
CA GLU C 267 40.24 12.71 4.38
C GLU C 267 39.66 11.34 4.78
N ALA C 268 40.21 10.76 5.85
CA ALA C 268 39.74 9.44 6.32
C ALA C 268 40.05 9.30 7.81
N TYR C 269 39.02 9.01 8.61
CA TYR C 269 39.23 8.90 10.08
C TYR C 269 40.39 7.94 10.36
N ASP C 270 41.38 8.40 11.13
CA ASP C 270 42.54 7.54 11.49
C ASP C 270 42.13 6.59 12.61
N PRO C 271 42.35 5.26 12.48
CA PRO C 271 41.92 4.31 13.50
C PRO C 271 42.47 4.65 14.88
N ARG C 272 43.78 4.95 14.96
CA ARG C 272 44.41 5.30 16.25
C ARG C 272 43.80 6.62 16.76
N THR C 273 43.62 7.60 15.86
CA THR C 273 43.04 8.91 16.25
C THR C 273 41.54 8.74 16.54
N ASP C 274 40.82 8.02 15.67
CA ASP C 274 39.36 7.83 15.84
C ASP C 274 39.05 6.35 15.98
N LYS C 275 39.23 5.79 17.18
CA LYS C 275 38.96 4.34 17.42
C LYS C 275 37.46 4.07 17.25
N THR C 276 36.62 5.07 17.52
CA THR C 276 35.15 4.89 17.42
C THR C 276 34.69 5.07 15.97
N LYS C 277 35.55 5.65 15.12
CA LYS C 277 35.15 5.93 13.71
C LYS C 277 35.95 5.04 12.76
N ALA C 278 37.10 4.53 13.21
CA ALA C 278 37.97 3.71 12.34
C ALA C 278 38.65 2.62 13.16
N SER C 279 39.24 1.61 12.51
CA SER C 279 39.83 0.50 13.23
C SER C 279 41.17 0.06 12.62
N ARG C 280 41.94 -0.62 13.47
CA ARG C 280 43.30 -1.08 13.18
C ARG C 280 43.55 -2.33 14.02
N GLY C 281 44.26 -3.29 13.44
CA GLY C 281 44.72 -4.41 14.24
C GLY C 281 44.76 -5.71 13.45
N ALA C 282 45.03 -6.77 14.21
CA ALA C 282 45.22 -8.09 13.63
C ALA C 282 43.86 -8.60 13.24
N THR C 283 43.70 -9.03 11.99
CA THR C 283 42.34 -9.42 11.53
C THR C 283 41.78 -10.52 12.44
N GLU C 284 42.60 -11.08 13.32
CA GLU C 284 42.15 -12.22 14.17
C GLU C 284 41.33 -11.71 15.36
N ILE C 285 41.68 -10.56 15.92
CA ILE C 285 41.00 -10.09 17.11
C ILE C 285 39.50 -9.97 16.76
N GLY C 286 39.18 -9.94 15.48
CA GLY C 286 37.91 -9.65 14.82
C GLY C 286 37.76 -8.16 14.61
N PHE C 287 37.09 -7.80 13.52
CA PHE C 287 36.92 -6.38 13.31
C PHE C 287 35.51 -6.09 12.82
N ASP C 288 35.09 -4.85 13.04
CA ASP C 288 33.77 -4.39 12.67
C ASP C 288 33.84 -3.79 11.27
N PHE C 289 32.91 -4.22 10.42
CA PHE C 289 32.79 -3.70 9.06
C PHE C 289 31.35 -3.79 8.59
N LEU C 290 30.83 -2.68 8.09
CA LEU C 290 29.49 -2.64 7.52
C LEU C 290 28.46 -3.24 8.46
N GLY C 291 28.61 -2.96 9.76
CA GLY C 291 27.70 -3.44 10.77
C GLY C 291 27.87 -4.89 11.22
N CYS C 292 28.85 -5.60 10.69
CA CYS C 292 29.15 -6.96 11.12
C CYS C 292 30.46 -7.00 11.92
N ASN C 293 30.58 -7.98 12.81
CA ASN C 293 31.87 -8.32 13.40
C ASN C 293 32.46 -9.52 12.67
N VAL C 294 33.54 -9.30 11.94
CA VAL C 294 34.12 -10.35 11.09
C VAL C 294 35.20 -11.05 11.89
N SER C 295 34.83 -12.11 12.55
CA SER C 295 35.84 -13.03 12.98
C SER C 295 35.96 -14.17 11.95
N PRO C 296 37.12 -14.65 11.53
CA PRO C 296 37.19 -15.90 10.72
C PRO C 296 36.48 -17.13 11.25
N GLY C 297 36.29 -17.28 12.58
CA GLY C 297 35.46 -18.44 12.90
C GLY C 297 34.04 -17.99 12.73
N LEU C 298 33.77 -16.85 13.33
CA LEU C 298 32.41 -16.41 13.58
C LEU C 298 32.14 -15.10 12.87
N ILE C 299 30.95 -14.95 12.35
CA ILE C 299 30.58 -13.66 11.82
C ILE C 299 29.21 -13.32 12.42
N GLN C 300 29.03 -12.06 12.83
CA GLN C 300 27.74 -11.68 13.49
C GLN C 300 27.57 -10.16 13.38
N PRO C 301 26.37 -9.60 13.65
CA PRO C 301 26.20 -8.14 13.64
C PRO C 301 27.19 -7.48 14.61
N SER C 302 27.64 -6.27 14.28
CA SER C 302 28.57 -5.54 15.18
C SER C 302 27.88 -5.27 16.52
N GLU C 303 28.64 -5.20 17.61
CA GLU C 303 28.06 -4.98 18.95
C GLU C 303 27.16 -3.74 18.89
N ALA C 304 27.60 -2.69 18.20
CA ALA C 304 26.82 -1.43 18.11
C ALA C 304 25.44 -1.70 17.50
N THR C 305 25.39 -2.54 16.45
CA THR C 305 24.10 -2.86 15.79
C THR C 305 23.18 -3.55 16.81
N ARG C 306 23.71 -4.54 17.53
CA ARG C 306 22.91 -5.23 18.58
C ARG C 306 22.52 -4.22 19.66
N ARG C 307 23.46 -3.37 20.07
CA ARG C 307 23.14 -2.31 21.07
C ARG C 307 21.96 -1.50 20.55
N ARG C 308 22.08 -0.88 19.37
CA ARG C 308 20.96 -0.16 18.79
C ARG C 308 19.68 -0.95 18.93
N PHE C 309 19.72 -2.22 18.49
CA PHE C 309 18.53 -3.04 18.44
C PHE C 309 17.96 -3.27 19.83
N ARG C 310 18.81 -3.53 20.83
CA ARG C 310 18.30 -3.68 22.19
C ARG C 310 17.74 -2.35 22.71
N ALA C 311 18.30 -1.22 22.27
CA ALA C 311 17.82 0.06 22.77
C ALA C 311 16.45 0.39 22.17
N LYS C 312 16.27 0.10 20.88
CA LYS C 312 14.95 0.27 20.28
C LYS C 312 13.94 -0.64 20.96
N LEU C 313 14.33 -1.88 21.24
CA LEU C 313 13.43 -2.78 21.94
C LEU C 313 13.11 -2.25 23.32
N ASP C 314 14.13 -1.79 24.05
CA ASP C 314 13.93 -1.27 25.39
C ASP C 314 12.94 -0.12 25.40
N ALA C 315 13.13 0.83 24.48
CA ALA C 315 12.23 1.96 24.40
C ALA C 315 10.78 1.50 24.24
N GLU C 316 10.53 0.55 23.32
CA GLU C 316 9.16 0.08 23.09
C GLU C 316 8.54 -0.53 24.33
N PHE C 317 9.34 -1.28 25.09
CA PHE C 317 8.81 -2.01 26.24
C PHE C 317 8.46 -1.08 27.39
N VAL C 318 9.28 -0.07 27.63
CA VAL C 318 8.91 0.92 28.65
C VAL C 318 7.70 1.71 28.17
N ALA C 319 7.66 2.02 26.87
CA ALA C 319 6.49 2.68 26.29
C ALA C 319 5.23 1.91 26.60
N ALA C 320 5.30 0.60 26.41
CA ALA C 320 4.13 -0.25 26.73
C ALA C 320 3.82 -0.15 28.22
N SER C 321 4.83 -0.24 29.08
CA SER C 321 4.54 -0.28 30.54
C SER C 321 3.86 1.01 30.96
N HIS C 322 4.38 2.13 30.49
CA HIS C 322 3.78 3.44 30.84
C HIS C 322 2.31 3.40 30.41
N ALA C 323 2.08 2.95 29.18
CA ALA C 323 0.72 2.91 28.65
C ALA C 323 -0.14 1.97 29.47
N LEU C 324 0.40 0.84 29.90
CA LEU C 324 -0.53 -0.10 30.59
C LEU C 324 -1.07 0.59 31.83
N ARG C 325 -0.20 1.25 32.59
CA ARG C 325 -0.71 2.03 33.75
C ARG C 325 -1.57 3.18 33.26
N TYR C 326 -1.13 3.89 32.21
CA TYR C 326 -1.88 5.09 31.77
C TYR C 326 -3.27 4.72 31.28
N ASN C 327 -3.36 3.63 30.51
CA ASN C 327 -4.68 3.29 29.93
C ASN C 327 -5.63 3.00 31.09
N ALA C 328 -5.16 2.30 32.12
CA ALA C 328 -6.03 2.16 33.29
C ALA C 328 -6.15 3.55 33.89
N GLN C 329 -7.34 4.01 34.22
CA GLN C 329 -7.54 5.30 34.93
C GLN C 329 -7.45 6.46 33.94
N TYR C 330 -7.18 6.20 32.66
CA TYR C 330 -7.23 7.33 31.69
C TYR C 330 -8.05 6.93 30.45
N GLN C 331 -9.00 7.75 30.07
CA GLN C 331 -9.83 7.50 28.86
C GLN C 331 -9.02 7.55 27.57
N ASP C 332 -8.06 8.45 27.46
CA ASP C 332 -7.38 8.64 26.14
C ASP C 332 -6.02 7.98 26.06
N GLY C 333 -5.81 7.17 25.03
CA GLY C 333 -4.49 6.56 24.78
C GLY C 333 -4.22 6.58 23.30
N ASP C 334 -2.94 6.60 22.88
CA ASP C 334 -2.68 6.51 21.43
C ASP C 334 -3.21 5.16 20.95
N GLY C 335 -2.99 4.12 21.75
CA GLY C 335 -3.45 2.76 21.42
C GLY C 335 -2.37 2.11 20.60
N LYS C 336 -1.39 2.89 20.16
CA LYS C 336 -0.18 2.32 19.51
C LYS C 336 0.51 1.53 20.61
N TYR C 337 0.47 2.07 21.83
CA TYR C 337 1.21 1.44 22.95
C TYR C 337 0.29 0.52 23.76
N SER C 338 -0.81 0.08 23.16
CA SER C 338 -1.64 -0.90 23.90
C SER C 338 -0.96 -2.28 23.87
N TYR C 339 -1.17 -3.08 24.90
CA TYR C 339 -0.48 -4.38 24.97
C TYR C 339 -0.50 -5.05 23.60
N SER C 340 -1.67 -5.11 22.98
CA SER C 340 -1.80 -5.81 21.67
C SER C 340 -0.94 -5.11 20.63
N SER C 341 -1.03 -3.78 20.57
CA SER C 341 -0.29 -3.01 19.55
C SER C 341 1.21 -3.06 19.80
N ALA C 342 1.61 -2.93 21.06
CA ALA C 342 3.06 -2.90 21.35
C ALA C 342 3.71 -4.23 20.99
N LEU C 343 3.06 -5.32 21.38
CA LEU C 343 3.59 -6.67 21.07
C LEU C 343 3.61 -6.83 19.55
N TYR C 344 2.56 -6.35 18.88
CA TYR C 344 2.49 -6.44 17.40
C TYR C 344 3.63 -5.62 16.82
N ARG C 345 3.85 -4.40 17.30
CA ARG C 345 5.01 -3.68 16.78
C ARG C 345 6.31 -4.40 17.12
N ILE C 346 6.43 -4.89 18.36
CA ILE C 346 7.69 -5.46 18.77
C ILE C 346 7.96 -6.71 17.94
N ASP C 347 6.90 -7.48 17.65
CA ASP C 347 7.04 -8.67 16.82
C ASP C 347 7.55 -8.32 15.42
N LYS C 348 7.00 -7.27 14.81
CA LYS C 348 7.43 -6.88 13.48
C LYS C 348 8.81 -6.20 13.48
N ILE C 349 9.19 -5.58 14.61
CA ILE C 349 10.55 -5.05 14.73
C ILE C 349 11.57 -6.18 14.77
N ILE C 350 11.27 -7.24 15.52
CA ILE C 350 12.14 -8.42 15.56
C ILE C 350 12.21 -9.05 14.18
N LEU C 351 11.09 -9.01 13.46
CA LEU C 351 11.10 -9.50 12.09
C LEU C 351 12.01 -8.65 11.23
N GLY C 352 11.80 -7.35 11.22
CA GLY C 352 12.53 -6.52 10.28
C GLY C 352 14.04 -6.56 10.48
N TRP C 353 14.49 -6.58 11.75
CA TRP C 353 15.92 -6.59 12.08
C TRP C 353 16.54 -7.98 11.87
N GLY C 354 15.96 -9.01 12.50
CA GLY C 354 16.43 -10.37 12.33
C GLY C 354 16.40 -10.85 10.89
N LYS C 355 15.61 -10.20 10.06
CA LYS C 355 15.52 -10.55 8.65
C LYS C 355 16.80 -10.13 7.92
N ALA C 356 17.44 -9.06 8.37
CA ALA C 356 18.64 -8.58 7.65
C ALA C 356 19.88 -9.35 8.09
N PHE C 357 19.85 -9.95 9.27
CA PHE C 357 21.05 -10.60 9.83
C PHE C 357 20.94 -12.13 9.69
N THR C 358 20.00 -12.61 8.88
CA THR C 358 19.78 -14.08 8.76
C THR C 358 21.06 -14.70 8.19
N PHE C 359 21.81 -13.94 7.39
CA PHE C 359 23.10 -14.47 6.87
C PHE C 359 24.09 -14.63 8.02
N CYS C 360 24.06 -13.70 8.99
CA CYS C 360 24.99 -13.77 10.15
C CYS C 360 24.64 -14.93 11.08
N ASN C 361 25.65 -15.49 11.75
CA ASN C 361 25.39 -16.54 12.77
C ASN C 361 25.63 -15.91 14.15
N GLY C 362 24.71 -15.07 14.62
CA GLY C 362 24.97 -14.31 15.86
C GLY C 362 24.34 -15.10 16.97
N SER C 363 24.23 -16.40 16.77
CA SER C 363 23.47 -17.22 17.75
C SER C 363 23.90 -16.99 19.20
N GLN C 364 25.18 -16.90 19.51
CA GLN C 364 25.43 -16.68 20.97
C GLN C 364 24.83 -15.32 21.34
N CYS C 365 25.05 -14.29 20.52
CA CYS C 365 24.44 -12.95 20.74
C CYS C 365 22.92 -12.94 20.54
N MET C 366 22.43 -13.64 19.51
CA MET C 366 20.97 -13.60 19.19
C MET C 366 20.22 -14.21 20.37
N ILE C 367 20.76 -15.28 20.93
CA ILE C 367 20.09 -15.95 22.08
C ILE C 367 20.01 -14.95 23.23
N ALA C 368 21.05 -14.13 23.40
CA ALA C 368 21.00 -13.09 24.45
C ALA C 368 19.96 -12.04 24.09
N LEU C 369 19.91 -11.65 22.82
CA LEU C 369 18.88 -10.68 22.36
C LEU C 369 17.51 -11.32 22.57
N ASP C 370 17.39 -12.59 22.23
CA ASP C 370 16.11 -13.30 22.45
C ASP C 370 15.93 -13.50 23.95
N ASP C 371 17.03 -13.66 24.70
CA ASP C 371 16.84 -13.74 26.15
C ASP C 371 16.36 -12.41 26.69
N PHE C 372 16.91 -11.31 26.16
CA PHE C 372 16.46 -9.96 26.58
C PHE C 372 14.97 -9.82 26.29
N ILE C 373 14.56 -10.12 25.05
CA ILE C 373 13.12 -9.98 24.66
C ILE C 373 12.26 -10.88 25.54
N SER C 374 12.68 -12.15 25.72
CA SER C 374 11.87 -13.11 26.51
C SER C 374 11.65 -12.57 27.92
N ASN C 375 12.72 -12.08 28.56
CA ASN C 375 12.60 -11.51 29.93
C ASN C 375 11.67 -10.29 29.89
N LYS C 376 11.91 -9.36 28.95
CA LYS C 376 11.09 -8.14 28.84
C LYS C 376 9.63 -8.54 28.64
N LEU C 377 9.38 -9.52 27.78
CA LEU C 377 7.98 -9.97 27.50
C LEU C 377 7.34 -10.48 28.79
N ALA C 378 8.07 -11.33 29.52
CA ALA C 378 7.51 -11.93 30.77
C ALA C 378 7.17 -10.82 31.77
N GLN C 379 8.05 -9.83 31.93
CA GLN C 379 7.83 -8.77 32.94
C GLN C 379 6.50 -8.08 32.61
N LEU C 380 6.40 -7.51 31.40
CA LEU C 380 5.17 -6.77 31.00
C LEU C 380 3.93 -7.62 31.23
N GLU C 381 4.01 -8.91 30.88
CA GLU C 381 2.82 -9.80 31.00
C GLU C 381 2.39 -9.79 32.47
N ALA C 382 3.32 -10.05 33.37
CA ALA C 382 3.00 -10.02 34.81
C ALA C 382 2.56 -8.60 35.21
N GLU C 383 3.26 -7.57 34.75
CA GLU C 383 2.80 -6.20 35.06
C GLU C 383 1.31 -6.09 34.71
N LYS C 384 0.95 -6.41 33.46
CA LYS C 384 -0.47 -6.20 33.05
C LYS C 384 -1.37 -7.09 33.90
N ILE C 385 -0.98 -8.34 34.17
CA ILE C 385 -1.95 -9.20 34.88
C ILE C 385 -2.24 -8.54 36.24
N ALA C 386 -1.21 -7.98 36.88
CA ALA C 386 -1.46 -7.25 38.15
C ALA C 386 -2.60 -6.26 37.93
N ILE C 387 -2.47 -5.41 36.92
CA ILE C 387 -3.50 -4.36 36.70
C ILE C 387 -4.83 -5.06 36.37
N LEU C 388 -4.80 -6.03 35.46
CA LEU C 388 -6.05 -6.71 35.01
C LEU C 388 -6.70 -7.43 36.19
N ALA C 389 -5.90 -7.90 37.16
CA ALA C 389 -6.44 -8.65 38.31
C ALA C 389 -7.62 -7.87 38.91
N ASN C 390 -7.44 -6.55 39.12
CA ASN C 390 -8.55 -5.70 39.62
C ASN C 390 -8.87 -4.65 38.56
N SER C 391 -9.77 -4.98 37.62
CA SER C 391 -10.08 -4.04 36.51
C SER C 391 -11.48 -4.30 35.96
N ASP C 392 -12.24 -3.24 35.69
CA ASP C 392 -13.57 -3.44 35.05
C ASP C 392 -13.34 -3.70 33.55
N SER C 393 -14.36 -4.14 32.83
CA SER C 393 -14.18 -4.51 31.40
C SER C 393 -13.62 -3.34 30.60
N THR C 394 -14.15 -2.13 30.79
CA THR C 394 -13.71 -0.96 29.98
C THR C 394 -12.20 -0.76 30.11
N VAL C 395 -11.66 -0.79 31.34
CA VAL C 395 -10.20 -0.53 31.55
C VAL C 395 -9.41 -1.58 30.77
N ARG C 396 -9.74 -2.86 30.96
CA ARG C 396 -9.02 -3.96 30.27
C ARG C 396 -9.05 -3.71 28.77
N ARG C 397 -10.20 -3.28 28.24
CA ARG C 397 -10.32 -3.03 26.80
C ARG C 397 -9.31 -1.99 26.30
N ARG C 398 -9.19 -0.86 26.99
CA ARG C 398 -8.22 0.14 26.53
C ARG C 398 -6.80 -0.28 26.86
N VAL C 399 -6.61 -1.05 27.93
CA VAL C 399 -5.29 -1.58 28.22
C VAL C 399 -4.86 -2.56 27.14
N LEU C 400 -5.62 -3.66 26.99
CA LEU C 400 -5.29 -4.69 26.00
C LEU C 400 -5.23 -4.14 24.58
N GLY C 401 -5.89 -3.01 24.30
CA GLY C 401 -5.94 -2.48 22.94
C GLY C 401 -7.08 -2.94 22.06
N VAL C 402 -8.20 -3.34 22.65
CA VAL C 402 -9.41 -3.67 21.91
C VAL C 402 -10.40 -2.54 22.13
N ARG C 403 -10.54 -1.70 21.11
CA ARG C 403 -11.36 -0.50 21.14
C ARG C 403 -12.79 -0.76 21.62
N LEU C 404 -13.39 0.28 22.19
CA LEU C 404 -14.80 0.20 22.60
C LEU C 404 -15.65 0.84 21.51
N LEU C 405 -16.75 0.17 21.14
CA LEU C 405 -17.64 0.73 20.13
C LEU C 405 -18.31 2.00 20.61
N ILE C 406 -18.63 2.06 21.90
CA ILE C 406 -19.32 3.21 22.48
C ILE C 406 -18.54 4.51 22.29
N ASP C 407 -17.23 4.44 22.07
CA ASP C 407 -16.37 5.62 21.96
C ASP C 407 -15.98 5.98 20.53
N ILE C 408 -16.66 5.49 19.51
CA ILE C 408 -16.14 5.76 18.17
C ILE C 408 -16.72 7.02 17.56
P DDG D 18 27.00 1.11 7.84
OP1 DDG D 18 27.40 0.61 9.22
OP2 DDG D 18 25.86 2.16 7.98
O5' DDG D 18 28.20 1.74 6.91
C5' DDG D 18 27.91 2.97 6.23
C4' DDG D 18 28.23 2.78 4.71
O4' DDG D 18 26.94 2.23 4.03
C3' DDG D 18 28.42 3.88 4.10
C2' DDG D 18 26.97 4.48 3.76
C1' DDG D 18 26.18 3.44 3.49
N9 DDG D 18 24.83 3.65 4.21
C8 DDG D 18 24.37 3.36 5.44
N7 DDG D 18 23.10 3.78 5.51
C5 DDG D 18 22.79 4.34 4.34
C6 DDG D 18 21.53 5.01 3.81
O6 DDG D 18 20.54 5.09 4.52
N1 DDG D 18 21.50 5.53 2.48
C2 DDG D 18 22.67 5.42 1.66
N2 DDG D 18 22.72 5.90 0.31
N3 DDG D 18 23.84 4.79 2.17
C4 DDG D 18 23.87 4.26 3.56
MN MN E . -32.06 -8.80 -5.33
N1 DCP F . -24.24 -7.03 -6.63
C2 DCP F . -22.91 -7.24 -7.03
N3 DCP F . -22.01 -7.63 -6.11
C4 DCP F . -22.38 -7.80 -4.82
C5 DCP F . -23.72 -7.57 -4.39
C6 DCP F . -24.61 -7.21 -5.32
O2 DCP F . -22.61 -7.08 -8.21
N4 DCP F . -21.45 -8.20 -3.96
C1' DCP F . -25.22 -6.62 -7.67
C2' DCP F . -25.62 -7.76 -8.62
C3' DCP F . -26.92 -8.25 -8.01
C4' DCP F . -27.53 -6.93 -7.56
O4' DCP F . -26.41 -6.19 -7.02
O3' DCP F . -27.73 -8.94 -8.96
C5' DCP F . -28.65 -7.03 -6.55
O5' DCP F . -28.10 -7.42 -5.27
PA DCP F . -28.75 -8.54 -4.40
O1A DCP F . -27.87 -8.85 -3.26
O2A DCP F . -30.19 -8.14 -4.04
O3A DCP F . -28.74 -9.83 -5.35
PB DCP F . -29.71 -10.56 -6.38
O1B DCP F . -28.89 -11.10 -7.48
O2B DCP F . -30.83 -9.61 -6.79
O3B DCP F . -30.30 -11.69 -5.47
PG DCP F . -31.57 -11.99 -4.55
O1G DCP F . -32.52 -12.81 -5.29
O2G DCP F . -30.99 -12.71 -3.34
O3G DCP F . -32.09 -10.60 -4.12
MN MN G . 31.64 9.07 5.95
N1 DCP H . 24.47 8.71 2.68
C2 DCP H . 24.50 8.15 3.96
N3 DCP H . 23.34 7.96 4.63
C4 DCP H . 22.19 8.33 4.10
C5 DCP H . 22.13 8.92 2.81
C6 DCP H . 23.28 9.11 2.16
O2 DCP H . 25.57 7.79 4.48
N4 DCP H . 21.08 8.13 4.79
C1' DCP H . 25.69 8.99 1.88
C2' DCP H . 26.14 10.45 1.95
C3' DCP H . 27.43 10.39 2.75
C4' DCP H . 27.96 9.02 2.36
O4' DCP H . 26.78 8.20 2.31
O3' DCP H . 28.32 11.42 2.34
C5' DCP H . 28.96 8.44 3.33
O5' DCP H . 28.28 7.80 4.44
PA DCP H . 28.52 8.32 5.93
O1A DCP H . 29.94 8.15 6.29
O2A DCP H . 27.49 7.71 6.83
O3A DCP H . 28.21 9.88 5.77
PB DCP H . 29.14 11.17 5.91
O1B DCP H . 30.43 10.91 5.20
O2B DCP H . 28.34 12.36 5.54
O3B DCP H . 29.39 11.15 7.48
PG DCP H . 30.73 11.21 8.37
O1G DCP H . 31.64 10.18 7.78
O2G DCP H . 30.29 10.88 9.77
O3G DCP H . 31.25 12.61 8.23
#